data_2DAH
#
_entry.id   2DAH
#
_entity_poly.entity_id   1
_entity_poly.type   'polypeptide(L)'
_entity_poly.pdbx_seq_one_letter_code
;GSSGSSGHFQVQLEQLRSMGFLNREANLQALIATGGDVDAAVEKLRQSSGPSSG
;
_entity_poly.pdbx_strand_id   A
#
# COMPACT_ATOMS: atom_id res chain seq x y z
N GLY A 1 -12.97 -13.01 -6.04
CA GLY A 1 -12.39 -13.93 -5.07
C GLY A 1 -12.90 -15.35 -5.30
N SER A 2 -12.00 -16.31 -5.10
CA SER A 2 -12.34 -17.70 -5.29
C SER A 2 -11.97 -18.50 -4.03
N SER A 3 -12.97 -18.70 -3.18
CA SER A 3 -12.76 -19.43 -1.94
C SER A 3 -11.66 -18.77 -1.12
N GLY A 4 -12.09 -17.93 -0.18
CA GLY A 4 -11.15 -17.23 0.68
C GLY A 4 -11.76 -15.93 1.19
N SER A 5 -11.42 -15.59 2.43
CA SER A 5 -11.92 -14.38 3.04
C SER A 5 -11.72 -13.20 2.09
N SER A 6 -12.44 -12.12 2.39
CA SER A 6 -12.35 -10.92 1.57
C SER A 6 -11.66 -9.80 2.35
N GLY A 7 -10.37 -9.65 2.07
CA GLY A 7 -9.58 -8.62 2.74
C GLY A 7 -9.96 -7.23 2.25
N HIS A 8 -9.47 -6.23 2.96
CA HIS A 8 -9.75 -4.85 2.61
C HIS A 8 -8.88 -4.45 1.40
N PHE A 9 -7.62 -4.19 1.69
CA PHE A 9 -6.68 -3.80 0.65
C PHE A 9 -5.72 -4.94 0.31
N GLN A 10 -6.30 -6.02 -0.20
CA GLN A 10 -5.50 -7.18 -0.57
C GLN A 10 -4.87 -6.98 -1.94
N VAL A 11 -5.71 -7.08 -2.97
CA VAL A 11 -5.25 -6.92 -4.33
C VAL A 11 -4.26 -5.75 -4.39
N GLN A 12 -4.72 -4.61 -3.90
CA GLN A 12 -3.90 -3.41 -3.89
C GLN A 12 -2.55 -3.69 -3.23
N LEU A 13 -2.61 -4.44 -2.14
CA LEU A 13 -1.40 -4.79 -1.40
C LEU A 13 -0.55 -5.72 -2.25
N GLU A 14 -1.22 -6.71 -2.85
CA GLU A 14 -0.53 -7.67 -3.69
C GLU A 14 0.53 -6.97 -4.54
N GLN A 15 0.06 -6.11 -5.44
CA GLN A 15 0.96 -5.38 -6.31
C GLN A 15 2.09 -4.76 -5.50
N LEU A 16 1.73 -3.92 -4.54
CA LEU A 16 2.70 -3.26 -3.70
C LEU A 16 3.75 -4.28 -3.24
N ARG A 17 3.25 -5.38 -2.68
CA ARG A 17 4.13 -6.42 -2.20
C ARG A 17 5.19 -6.74 -3.25
N SER A 18 4.74 -6.88 -4.49
CA SER A 18 5.64 -7.19 -5.59
C SER A 18 6.65 -6.05 -5.77
N MET A 19 6.13 -4.84 -5.76
CA MET A 19 6.96 -3.65 -5.93
C MET A 19 8.08 -3.63 -4.89
N GLY A 20 7.87 -4.38 -3.82
CA GLY A 20 8.85 -4.45 -2.74
C GLY A 20 8.36 -3.69 -1.51
N PHE A 21 7.06 -3.46 -1.47
CA PHE A 21 6.46 -2.75 -0.36
C PHE A 21 6.08 -3.71 0.77
N LEU A 22 7.11 -4.22 1.44
CA LEU A 22 6.89 -5.15 2.53
C LEU A 22 6.58 -4.37 3.81
N ASN A 23 5.60 -3.48 3.70
CA ASN A 23 5.21 -2.67 4.84
C ASN A 23 3.68 -2.52 4.84
N ARG A 24 3.00 -3.65 4.74
CA ARG A 24 1.55 -3.65 4.72
C ARG A 24 1.01 -2.61 5.71
N GLU A 25 1.57 -2.63 6.91
CA GLU A 25 1.16 -1.70 7.95
C GLU A 25 1.08 -0.28 7.38
N ALA A 26 2.17 0.12 6.75
CA ALA A 26 2.25 1.45 6.16
C ALA A 26 1.34 1.52 4.94
N ASN A 27 1.51 0.55 4.05
CA ASN A 27 0.72 0.48 2.84
C ASN A 27 -0.76 0.68 3.19
N LEU A 28 -1.20 -0.07 4.19
CA LEU A 28 -2.58 0.00 4.64
C LEU A 28 -2.94 1.47 4.91
N GLN A 29 -2.35 2.00 5.97
CA GLN A 29 -2.60 3.38 6.35
C GLN A 29 -2.68 4.26 5.10
N ALA A 30 -1.66 4.17 4.27
CA ALA A 30 -1.61 4.96 3.05
C ALA A 30 -2.85 4.65 2.21
N LEU A 31 -3.09 3.37 2.00
CA LEU A 31 -4.24 2.94 1.22
C LEU A 31 -5.51 3.55 1.81
N ILE A 32 -5.55 3.58 3.13
CA ILE A 32 -6.70 4.13 3.84
C ILE A 32 -6.83 5.61 3.50
N ALA A 33 -5.72 6.32 3.59
CA ALA A 33 -5.70 7.74 3.30
C ALA A 33 -6.29 7.97 1.92
N THR A 34 -5.67 7.34 0.93
CA THR A 34 -6.12 7.48 -0.45
C THR A 34 -7.55 6.94 -0.60
N GLY A 35 -7.76 5.77 -0.03
CA GLY A 35 -9.07 5.14 -0.08
C GLY A 35 -9.02 3.85 -0.90
N GLY A 36 -7.85 3.25 -0.91
CA GLY A 36 -7.64 2.00 -1.64
C GLY A 36 -6.71 2.21 -2.83
N ASP A 37 -6.74 3.42 -3.36
CA ASP A 37 -5.91 3.76 -4.51
C ASP A 37 -4.47 3.31 -4.23
N VAL A 38 -3.91 2.59 -5.19
CA VAL A 38 -2.55 2.10 -5.07
C VAL A 38 -1.58 3.13 -5.65
N ASP A 39 -1.79 3.44 -6.92
CA ASP A 39 -0.95 4.40 -7.61
C ASP A 39 -0.67 5.58 -6.67
N ALA A 40 -1.76 6.15 -6.15
CA ALA A 40 -1.64 7.28 -5.25
C ALA A 40 -0.76 6.90 -4.06
N ALA A 41 -1.17 5.83 -3.39
CA ALA A 41 -0.43 5.35 -2.23
C ALA A 41 1.06 5.35 -2.56
N VAL A 42 1.41 4.68 -3.65
CA VAL A 42 2.79 4.59 -4.06
C VAL A 42 3.43 5.99 -3.98
N GLU A 43 2.78 6.94 -4.63
CA GLU A 43 3.27 8.30 -4.64
C GLU A 43 3.52 8.79 -3.20
N LYS A 44 2.73 8.26 -2.30
CA LYS A 44 2.86 8.62 -0.90
C LYS A 44 3.97 7.79 -0.25
N LEU A 45 3.79 6.48 -0.33
CA LEU A 45 4.77 5.56 0.24
C LEU A 45 6.17 6.03 -0.12
N ARG A 46 6.36 6.31 -1.40
CA ARG A 46 7.65 6.76 -1.89
C ARG A 46 8.12 7.99 -1.08
N GLN A 47 7.26 8.99 -1.04
CA GLN A 47 7.57 10.21 -0.32
C GLN A 47 7.86 9.89 1.14
N SER A 48 6.88 9.29 1.80
CA SER A 48 7.03 8.93 3.20
C SER A 48 8.41 8.33 3.45
N SER A 49 8.68 7.25 2.73
CA SER A 49 9.96 6.57 2.86
C SER A 49 11.10 7.56 2.67
N GLY A 50 11.71 7.95 3.80
CA GLY A 50 12.80 8.89 3.76
C GLY A 50 13.98 8.33 2.97
N PRO A 51 15.11 9.09 3.00
CA PRO A 51 16.31 8.69 2.28
C PRO A 51 17.02 7.54 3.01
N SER A 52 16.66 6.32 2.62
CA SER A 52 17.25 5.14 3.22
C SER A 52 16.84 5.04 4.70
N SER A 53 15.63 4.54 4.91
CA SER A 53 15.11 4.38 6.26
C SER A 53 13.89 3.45 6.25
N GLY A 54 13.81 2.63 7.29
CA GLY A 54 12.71 1.69 7.41
C GLY A 54 13.22 0.26 7.56
N GLY A 1 -14.15 8.22 5.94
CA GLY A 1 -14.22 7.77 7.33
C GLY A 1 -14.46 6.26 7.40
N SER A 2 -13.62 5.59 8.18
CA SER A 2 -13.72 4.15 8.35
C SER A 2 -13.69 3.80 9.83
N SER A 3 -14.20 2.61 10.14
CA SER A 3 -14.24 2.14 11.51
C SER A 3 -13.76 0.68 11.58
N GLY A 4 -12.97 0.40 12.60
CA GLY A 4 -12.44 -0.94 12.78
C GLY A 4 -11.65 -1.39 11.56
N SER A 5 -11.47 -2.71 11.45
CA SER A 5 -10.73 -3.27 10.35
C SER A 5 -10.80 -4.80 10.40
N SER A 6 -10.65 -5.40 9.22
CA SER A 6 -10.70 -6.85 9.12
C SER A 6 -9.56 -7.35 8.22
N GLY A 7 -9.58 -6.87 6.99
CA GLY A 7 -8.56 -7.26 6.02
C GLY A 7 -8.92 -6.78 4.62
N HIS A 8 -8.74 -5.48 4.40
CA HIS A 8 -9.04 -4.89 3.11
C HIS A 8 -7.74 -4.63 2.35
N PHE A 9 -7.87 -3.89 1.27
CA PHE A 9 -6.71 -3.55 0.44
C PHE A 9 -5.86 -4.80 0.18
N GLN A 10 -6.40 -5.69 -0.63
CA GLN A 10 -5.70 -6.92 -0.97
C GLN A 10 -4.91 -6.75 -2.26
N VAL A 11 -5.64 -6.65 -3.37
CA VAL A 11 -5.02 -6.47 -4.66
C VAL A 11 -3.89 -5.44 -4.55
N GLN A 12 -4.18 -4.37 -3.82
CA GLN A 12 -3.21 -3.31 -3.62
C GLN A 12 -2.04 -3.82 -2.79
N LEU A 13 -2.38 -4.48 -1.69
CA LEU A 13 -1.37 -5.01 -0.79
C LEU A 13 -0.52 -6.05 -1.54
N GLU A 14 -1.15 -6.66 -2.53
CA GLU A 14 -0.47 -7.68 -3.33
C GLU A 14 0.42 -7.01 -4.38
N GLN A 15 -0.21 -6.17 -5.20
CA GLN A 15 0.51 -5.47 -6.25
C GLN A 15 1.68 -4.69 -5.66
N LEU A 16 1.44 -4.11 -4.49
CA LEU A 16 2.46 -3.33 -3.81
C LEU A 16 3.60 -4.27 -3.38
N ARG A 17 3.22 -5.36 -2.73
CA ARG A 17 4.19 -6.34 -2.27
C ARG A 17 5.25 -6.59 -3.35
N SER A 18 4.76 -6.80 -4.56
CA SER A 18 5.65 -7.06 -5.68
C SER A 18 6.61 -5.87 -5.87
N MET A 19 6.03 -4.68 -5.94
CA MET A 19 6.81 -3.47 -6.12
C MET A 19 7.95 -3.40 -5.11
N GLY A 20 7.77 -4.11 -4.00
CA GLY A 20 8.77 -4.14 -2.96
C GLY A 20 8.27 -3.43 -1.70
N PHE A 21 6.96 -3.32 -1.60
CA PHE A 21 6.34 -2.67 -0.46
C PHE A 21 6.03 -3.68 0.65
N LEU A 22 7.08 -4.10 1.35
CA LEU A 22 6.94 -5.06 2.42
C LEU A 22 6.62 -4.32 3.72
N ASN A 23 5.64 -3.41 3.63
CA ASN A 23 5.24 -2.63 4.79
C ASN A 23 3.71 -2.48 4.78
N ARG A 24 3.04 -3.62 4.85
CA ARG A 24 1.59 -3.64 4.85
C ARG A 24 1.05 -2.54 5.76
N GLU A 25 1.46 -2.61 7.03
CA GLU A 25 1.02 -1.63 8.01
C GLU A 25 0.98 -0.24 7.39
N ALA A 26 2.09 0.13 6.76
CA ALA A 26 2.19 1.43 6.11
C ALA A 26 1.27 1.46 4.89
N ASN A 27 1.42 0.44 4.05
CA ASN A 27 0.62 0.34 2.85
C ASN A 27 -0.85 0.60 3.19
N LEU A 28 -1.31 -0.13 4.20
CA LEU A 28 -2.69 0.01 4.64
C LEU A 28 -3.01 1.48 4.89
N GLN A 29 -2.39 2.02 5.93
CA GLN A 29 -2.59 3.43 6.28
C GLN A 29 -2.62 4.29 5.02
N ALA A 30 -1.58 4.14 4.21
CA ALA A 30 -1.48 4.90 2.97
C ALA A 30 -2.72 4.65 2.12
N LEU A 31 -2.99 3.37 1.89
CA LEU A 31 -4.14 2.99 1.09
C LEU A 31 -5.41 3.60 1.69
N ILE A 32 -5.49 3.53 3.02
CA ILE A 32 -6.63 4.07 3.73
C ILE A 32 -6.78 5.56 3.38
N ALA A 33 -5.68 6.27 3.47
CA ALA A 33 -5.66 7.69 3.18
C ALA A 33 -6.20 7.91 1.76
N THR A 34 -5.50 7.32 0.80
CA THR A 34 -5.90 7.44 -0.60
C THR A 34 -7.36 7.02 -0.77
N GLY A 35 -7.70 5.91 -0.13
CA GLY A 35 -9.06 5.38 -0.22
C GLY A 35 -9.09 4.08 -1.01
N GLY A 36 -7.99 3.33 -0.91
CA GLY A 36 -7.89 2.06 -1.61
C GLY A 36 -7.31 2.26 -3.01
N ASP A 37 -6.24 3.04 -3.08
CA ASP A 37 -5.59 3.32 -4.35
C ASP A 37 -4.10 2.99 -4.23
N VAL A 38 -3.57 2.42 -5.31
CA VAL A 38 -2.17 2.05 -5.34
C VAL A 38 -1.35 3.24 -5.84
N ASP A 39 -1.64 3.64 -7.07
CA ASP A 39 -0.93 4.76 -7.68
C ASP A 39 -0.76 5.87 -6.65
N ALA A 40 -1.87 6.25 -6.04
CA ALA A 40 -1.85 7.30 -5.03
C ALA A 40 -0.97 6.86 -3.87
N ALA A 41 -1.25 5.67 -3.37
CA ALA A 41 -0.49 5.12 -2.26
C ALA A 41 1.01 5.21 -2.57
N VAL A 42 1.38 4.59 -3.69
CA VAL A 42 2.77 4.58 -4.11
C VAL A 42 3.34 6.00 -3.97
N GLU A 43 2.63 6.95 -4.56
CA GLU A 43 3.06 8.33 -4.51
C GLU A 43 3.36 8.74 -3.06
N LYS A 44 2.58 8.20 -2.15
CA LYS A 44 2.75 8.49 -0.74
C LYS A 44 3.88 7.61 -0.17
N LEU A 45 3.66 6.31 -0.24
CA LEU A 45 4.63 5.35 0.25
C LEU A 45 6.03 5.82 -0.13
N ARG A 46 6.15 6.28 -1.37
CA ARG A 46 7.43 6.75 -1.87
C ARG A 46 7.89 7.97 -1.07
N GLN A 47 7.05 8.99 -1.05
CA GLN A 47 7.36 10.22 -0.33
C GLN A 47 7.86 9.88 1.08
N SER A 48 7.05 9.14 1.81
CA SER A 48 7.40 8.75 3.16
C SER A 48 8.82 8.18 3.20
N SER A 49 9.02 7.12 2.43
CA SER A 49 10.31 6.47 2.36
C SER A 49 10.36 5.49 1.19
N GLY A 50 10.93 5.96 0.09
CA GLY A 50 11.04 5.13 -1.10
C GLY A 50 12.49 4.74 -1.37
N PRO A 51 12.85 3.50 -0.93
CA PRO A 51 14.20 3.01 -1.12
C PRO A 51 14.43 2.60 -2.57
N SER A 52 15.16 3.44 -3.29
CA SER A 52 15.46 3.17 -4.68
C SER A 52 16.35 1.94 -4.81
N SER A 53 16.15 1.20 -5.89
CA SER A 53 16.93 0.00 -6.13
C SER A 53 16.97 -0.86 -4.86
N GLY A 54 15.92 -1.64 -4.67
CA GLY A 54 15.83 -2.50 -3.51
C GLY A 54 16.80 -3.69 -3.63
N GLY A 1 -12.80 -0.75 13.42
CA GLY A 1 -13.13 0.18 12.36
C GLY A 1 -14.64 0.42 12.28
N SER A 2 -15.27 -0.28 11.35
CA SER A 2 -16.70 -0.15 11.17
C SER A 2 -17.44 -1.12 12.09
N SER A 3 -17.28 -2.41 11.80
CA SER A 3 -17.93 -3.44 12.60
C SER A 3 -16.89 -4.15 13.45
N GLY A 4 -15.65 -4.14 12.97
CA GLY A 4 -14.56 -4.78 13.68
C GLY A 4 -13.61 -5.49 12.72
N SER A 5 -14.17 -6.46 12.00
CA SER A 5 -13.39 -7.23 11.04
C SER A 5 -12.52 -6.29 10.21
N SER A 6 -11.27 -6.70 10.02
CA SER A 6 -10.33 -5.90 9.26
C SER A 6 -9.58 -6.79 8.26
N GLY A 7 -9.63 -6.40 7.00
CA GLY A 7 -8.97 -7.14 5.95
C GLY A 7 -9.31 -6.60 4.57
N HIS A 8 -8.85 -5.38 4.33
CA HIS A 8 -9.09 -4.73 3.06
C HIS A 8 -7.77 -4.49 2.32
N PHE A 9 -7.84 -3.70 1.27
CA PHE A 9 -6.67 -3.39 0.47
C PHE A 9 -5.85 -4.65 0.20
N GLN A 10 -6.41 -5.51 -0.64
CA GLN A 10 -5.74 -6.75 -0.99
C GLN A 10 -4.92 -6.56 -2.27
N VAL A 11 -5.62 -6.46 -3.38
CA VAL A 11 -4.97 -6.27 -4.67
C VAL A 11 -3.80 -5.30 -4.51
N GLN A 12 -4.05 -4.24 -3.77
CA GLN A 12 -3.03 -3.22 -3.53
C GLN A 12 -1.89 -3.80 -2.69
N LEU A 13 -2.27 -4.45 -1.59
CA LEU A 13 -1.31 -5.05 -0.70
C LEU A 13 -0.49 -6.10 -1.46
N GLU A 14 -1.14 -6.68 -2.47
CA GLU A 14 -0.49 -7.69 -3.28
C GLU A 14 0.43 -7.03 -4.31
N GLN A 15 -0.17 -6.27 -5.20
CA GLN A 15 0.57 -5.57 -6.23
C GLN A 15 1.73 -4.78 -5.62
N LEU A 16 1.42 -4.08 -4.55
CA LEU A 16 2.41 -3.27 -3.86
C LEU A 16 3.57 -4.17 -3.43
N ARG A 17 3.22 -5.29 -2.81
CA ARG A 17 4.22 -6.24 -2.35
C ARG A 17 5.27 -6.48 -3.45
N SER A 18 4.77 -6.66 -4.67
CA SER A 18 5.65 -6.89 -5.80
C SER A 18 6.54 -5.68 -6.04
N MET A 19 5.92 -4.50 -5.93
CA MET A 19 6.65 -3.26 -6.13
C MET A 19 7.78 -3.11 -5.11
N GLY A 20 7.74 -3.96 -4.09
CA GLY A 20 8.74 -3.94 -3.05
C GLY A 20 8.18 -3.35 -1.75
N PHE A 21 6.85 -3.36 -1.66
CA PHE A 21 6.18 -2.85 -0.49
C PHE A 21 5.75 -3.98 0.44
N LEU A 22 6.70 -4.45 1.23
CA LEU A 22 6.44 -5.52 2.17
C LEU A 22 6.05 -4.93 3.53
N ASN A 23 5.40 -3.77 3.47
CA ASN A 23 4.97 -3.10 4.68
C ASN A 23 3.47 -2.86 4.62
N ARG A 24 2.72 -3.89 4.97
CA ARG A 24 1.27 -3.80 4.96
C ARG A 24 0.80 -2.69 5.89
N GLU A 25 1.37 -2.66 7.09
CA GLU A 25 1.02 -1.65 8.07
C GLU A 25 0.98 -0.27 7.43
N ALA A 26 2.08 0.06 6.75
CA ALA A 26 2.18 1.35 6.08
C ALA A 26 1.25 1.37 4.86
N ASN A 27 1.42 0.36 4.01
CA ASN A 27 0.61 0.25 2.82
C ASN A 27 -0.86 0.50 3.17
N LEU A 28 -1.29 -0.11 4.26
CA LEU A 28 -2.66 0.04 4.71
C LEU A 28 -2.95 1.52 4.95
N GLN A 29 -2.34 2.05 6.01
CA GLN A 29 -2.53 3.45 6.36
C GLN A 29 -2.47 4.32 5.10
N ALA A 30 -1.37 4.17 4.36
CA ALA A 30 -1.18 4.94 3.14
C ALA A 30 -2.38 4.71 2.22
N LEU A 31 -2.70 3.45 2.00
CA LEU A 31 -3.81 3.09 1.14
C LEU A 31 -5.09 3.75 1.68
N ILE A 32 -5.24 3.70 2.99
CA ILE A 32 -6.40 4.29 3.63
C ILE A 32 -6.50 5.77 3.24
N ALA A 33 -5.40 6.47 3.43
CA ALA A 33 -5.35 7.89 3.11
C ALA A 33 -5.94 8.11 1.71
N THR A 34 -5.32 7.44 0.74
CA THR A 34 -5.77 7.56 -0.64
C THR A 34 -7.21 7.05 -0.78
N GLY A 35 -7.47 5.92 -0.13
CA GLY A 35 -8.79 5.32 -0.17
C GLY A 35 -8.79 4.06 -1.05
N GLY A 36 -7.68 3.35 -1.00
CA GLY A 36 -7.54 2.13 -1.78
C GLY A 36 -7.08 2.44 -3.21
N ASP A 37 -5.85 2.92 -3.31
CA ASP A 37 -5.29 3.26 -4.60
C ASP A 37 -3.77 3.01 -4.57
N VAL A 38 -3.34 2.07 -5.39
CA VAL A 38 -1.93 1.73 -5.47
C VAL A 38 -1.15 2.93 -6.00
N ASP A 39 -1.58 3.40 -7.17
CA ASP A 39 -0.93 4.54 -7.80
C ASP A 39 -0.77 5.66 -6.78
N ALA A 40 -1.90 6.08 -6.23
CA ALA A 40 -1.90 7.14 -5.24
C ALA A 40 -1.05 6.72 -4.05
N ALA A 41 -1.36 5.54 -3.54
CA ALA A 41 -0.64 5.01 -2.39
C ALA A 41 0.87 5.13 -2.63
N VAL A 42 1.29 4.63 -3.78
CA VAL A 42 2.69 4.68 -4.15
C VAL A 42 3.22 6.10 -3.94
N GLU A 43 2.54 7.05 -4.55
CA GLU A 43 2.93 8.45 -4.43
C GLU A 43 3.19 8.80 -2.97
N LYS A 44 2.37 8.22 -2.10
CA LYS A 44 2.50 8.47 -0.68
C LYS A 44 3.63 7.60 -0.11
N LEU A 45 3.46 6.30 -0.26
CA LEU A 45 4.45 5.35 0.22
C LEU A 45 5.85 5.84 -0.14
N ARG A 46 5.98 6.25 -1.40
CA ARG A 46 7.26 6.74 -1.88
C ARG A 46 7.74 7.92 -1.02
N GLN A 47 6.90 8.94 -0.96
CA GLN A 47 7.23 10.13 -0.17
C GLN A 47 7.66 9.72 1.23
N SER A 48 6.80 8.97 1.90
CA SER A 48 7.10 8.52 3.25
C SER A 48 8.55 8.05 3.34
N SER A 49 8.88 7.08 2.50
CA SER A 49 10.23 6.54 2.48
C SER A 49 10.41 5.60 1.28
N GLY A 50 9.55 4.60 1.23
CA GLY A 50 9.59 3.62 0.15
C GLY A 50 10.08 2.26 0.65
N PRO A 51 10.81 1.55 -0.24
CA PRO A 51 11.34 0.24 0.10
C PRO A 51 12.53 0.36 1.04
N SER A 52 12.85 -0.75 1.70
CA SER A 52 13.97 -0.79 2.63
C SER A 52 15.19 -1.40 1.95
N SER A 53 15.94 -0.55 1.27
CA SER A 53 17.13 -0.99 0.57
C SER A 53 16.74 -1.81 -0.66
N GLY A 54 16.02 -2.89 -0.40
CA GLY A 54 15.59 -3.77 -1.47
C GLY A 54 15.60 -5.24 -1.02
N GLY A 1 0.94 -14.98 -5.66
CA GLY A 1 1.77 -15.24 -4.49
C GLY A 1 1.00 -16.08 -3.47
N SER A 2 0.99 -15.58 -2.24
CA SER A 2 0.30 -16.27 -1.16
C SER A 2 -1.11 -15.68 -0.97
N SER A 3 -1.97 -16.46 -0.33
CA SER A 3 -3.33 -16.04 -0.09
C SER A 3 -3.47 -15.52 1.34
N GLY A 4 -3.81 -14.24 1.45
CA GLY A 4 -3.97 -13.62 2.75
C GLY A 4 -5.43 -13.70 3.21
N SER A 5 -6.29 -13.03 2.47
CA SER A 5 -7.71 -13.01 2.79
C SER A 5 -7.90 -12.84 4.30
N SER A 6 -7.75 -11.60 4.74
CA SER A 6 -7.91 -11.28 6.16
C SER A 6 -8.14 -9.77 6.33
N GLY A 7 -7.18 -9.00 5.86
CA GLY A 7 -7.28 -7.56 5.95
C GLY A 7 -7.60 -6.93 4.60
N HIS A 8 -8.35 -5.84 4.65
CA HIS A 8 -8.74 -5.14 3.43
C HIS A 8 -7.50 -4.81 2.60
N PHE A 9 -7.72 -4.05 1.54
CA PHE A 9 -6.64 -3.66 0.66
C PHE A 9 -5.72 -4.85 0.36
N GLN A 10 -6.28 -5.82 -0.34
CA GLN A 10 -5.52 -7.01 -0.70
C GLN A 10 -4.77 -6.79 -2.01
N VAL A 11 -5.53 -6.77 -3.09
CA VAL A 11 -4.95 -6.56 -4.42
C VAL A 11 -3.87 -5.48 -4.33
N GLN A 12 -4.24 -4.37 -3.72
CA GLN A 12 -3.32 -3.26 -3.56
C GLN A 12 -2.08 -3.70 -2.77
N LEU A 13 -2.33 -4.43 -1.70
CA LEU A 13 -1.26 -4.92 -0.85
C LEU A 13 -0.44 -5.95 -1.63
N GLU A 14 -1.08 -6.58 -2.59
CA GLU A 14 -0.43 -7.58 -3.42
C GLU A 14 0.46 -6.91 -4.47
N GLN A 15 -0.17 -6.04 -5.26
CA GLN A 15 0.54 -5.34 -6.30
C GLN A 15 1.71 -4.54 -5.70
N LEU A 16 1.46 -3.96 -4.54
CA LEU A 16 2.47 -3.18 -3.86
C LEU A 16 3.62 -4.10 -3.43
N ARG A 17 3.24 -5.16 -2.72
CA ARG A 17 4.22 -6.12 -2.24
C ARG A 17 5.27 -6.39 -3.32
N SER A 18 4.79 -6.56 -4.54
CA SER A 18 5.66 -6.82 -5.67
C SER A 18 6.61 -5.63 -5.89
N MET A 19 6.02 -4.45 -5.91
CA MET A 19 6.79 -3.23 -6.11
C MET A 19 7.95 -3.14 -5.11
N GLY A 20 7.79 -3.87 -4.01
CA GLY A 20 8.80 -3.88 -2.98
C GLY A 20 8.31 -3.15 -1.71
N PHE A 21 6.99 -3.01 -1.63
CA PHE A 21 6.39 -2.34 -0.49
C PHE A 21 6.04 -3.34 0.61
N LEU A 22 7.08 -3.80 1.30
CA LEU A 22 6.89 -4.76 2.38
C LEU A 22 6.57 -4.00 3.67
N ASN A 23 5.58 -3.13 3.58
CA ASN A 23 5.17 -2.33 4.73
C ASN A 23 3.65 -2.30 4.80
N ARG A 24 3.06 -3.49 4.88
CA ARG A 24 1.62 -3.61 4.95
C ARG A 24 1.04 -2.50 5.83
N GLU A 25 1.46 -2.52 7.09
CA GLU A 25 0.99 -1.52 8.04
C GLU A 25 0.88 -0.15 7.38
N ALA A 26 2.02 0.31 6.86
CA ALA A 26 2.06 1.59 6.20
C ALA A 26 1.14 1.57 4.97
N ASN A 27 1.40 0.62 4.10
CA ASN A 27 0.60 0.47 2.89
C ASN A 27 -0.88 0.66 3.24
N LEU A 28 -1.31 -0.06 4.25
CA LEU A 28 -2.69 0.02 4.70
C LEU A 28 -3.06 1.48 4.94
N GLN A 29 -2.50 2.03 5.99
CA GLN A 29 -2.77 3.43 6.34
C GLN A 29 -2.79 4.29 5.08
N ALA A 30 -1.70 4.20 4.32
CA ALA A 30 -1.59 4.97 3.09
C ALA A 30 -2.81 4.70 2.22
N LEU A 31 -3.09 3.42 2.02
CA LEU A 31 -4.23 3.02 1.20
C LEU A 31 -5.51 3.65 1.76
N ILE A 32 -5.69 3.47 3.06
CA ILE A 32 -6.85 4.02 3.73
C ILE A 32 -7.00 5.50 3.37
N ALA A 33 -5.87 6.18 3.35
CA ALA A 33 -5.86 7.60 3.03
C ALA A 33 -6.33 7.79 1.58
N THR A 34 -5.86 6.91 0.72
CA THR A 34 -6.23 6.97 -0.69
C THR A 34 -7.45 6.10 -0.96
N GLY A 35 -8.35 6.07 0.02
CA GLY A 35 -9.57 5.29 -0.10
C GLY A 35 -9.28 3.94 -0.74
N GLY A 36 -8.06 3.47 -0.55
CA GLY A 36 -7.65 2.19 -1.10
C GLY A 36 -7.16 2.34 -2.55
N ASP A 37 -6.07 3.08 -2.69
CA ASP A 37 -5.49 3.32 -4.00
C ASP A 37 -4.02 2.94 -3.99
N VAL A 38 -3.57 2.42 -5.11
CA VAL A 38 -2.17 2.00 -5.24
C VAL A 38 -1.35 3.17 -5.78
N ASP A 39 -1.71 3.61 -6.98
CA ASP A 39 -1.02 4.71 -7.61
C ASP A 39 -0.80 5.83 -6.59
N ALA A 40 -1.90 6.30 -6.04
CA ALA A 40 -1.86 7.37 -5.04
C ALA A 40 -0.96 6.94 -3.88
N ALA A 41 -1.22 5.72 -3.40
CA ALA A 41 -0.45 5.18 -2.30
C ALA A 41 1.04 5.27 -2.62
N VAL A 42 1.40 4.66 -3.74
CA VAL A 42 2.79 4.67 -4.19
C VAL A 42 3.36 6.08 -4.04
N GLU A 43 2.67 7.03 -4.65
CA GLU A 43 3.09 8.41 -4.60
C GLU A 43 3.40 8.82 -3.16
N LYS A 44 2.67 8.22 -2.24
CA LYS A 44 2.84 8.51 -0.82
C LYS A 44 3.97 7.63 -0.27
N LEU A 45 3.75 6.32 -0.37
CA LEU A 45 4.73 5.37 0.13
C LEU A 45 6.13 5.80 -0.31
N ARG A 46 6.21 6.23 -1.56
CA ARG A 46 7.48 6.69 -2.11
C ARG A 46 8.09 7.78 -1.23
N GLN A 47 7.29 8.81 -0.99
CA GLN A 47 7.74 9.92 -0.17
C GLN A 47 8.25 9.41 1.18
N SER A 48 7.44 8.58 1.81
CA SER A 48 7.79 8.02 3.10
C SER A 48 9.13 7.28 3.00
N SER A 49 9.14 6.24 2.19
CA SER A 49 10.34 5.45 1.99
C SER A 49 10.25 4.65 0.69
N GLY A 50 11.39 4.49 0.05
CA GLY A 50 11.45 3.76 -1.20
C GLY A 50 12.50 4.36 -2.14
N PRO A 51 12.96 3.51 -3.11
CA PRO A 51 13.95 3.95 -4.07
C PRO A 51 13.33 4.88 -5.12
N SER A 52 13.06 6.11 -4.70
CA SER A 52 12.47 7.09 -5.59
C SER A 52 13.54 7.67 -6.53
N SER A 53 13.09 8.18 -7.65
CA SER A 53 13.98 8.76 -8.63
C SER A 53 13.20 9.59 -9.64
N GLY A 54 12.26 8.94 -10.31
CA GLY A 54 11.44 9.60 -11.30
C GLY A 54 11.47 8.85 -12.63
N GLY A 1 -14.37 -12.79 22.48
CA GLY A 1 -15.09 -11.54 22.64
C GLY A 1 -15.32 -10.87 21.29
N SER A 2 -14.40 -10.00 20.92
CA SER A 2 -14.50 -9.28 19.67
C SER A 2 -13.20 -9.46 18.86
N SER A 3 -13.17 -10.54 18.10
CA SER A 3 -12.00 -10.84 17.27
C SER A 3 -12.45 -11.36 15.91
N GLY A 4 -11.65 -11.05 14.90
CA GLY A 4 -11.95 -11.48 13.55
C GLY A 4 -10.67 -11.50 12.69
N SER A 5 -10.83 -11.05 11.46
CA SER A 5 -9.70 -11.01 10.53
C SER A 5 -9.57 -9.62 9.93
N SER A 6 -10.63 -9.19 9.25
CA SER A 6 -10.64 -7.88 8.62
C SER A 6 -9.34 -7.66 7.87
N GLY A 7 -9.33 -8.07 6.61
CA GLY A 7 -8.16 -7.92 5.77
C GLY A 7 -8.51 -7.26 4.44
N HIS A 8 -8.56 -5.94 4.46
CA HIS A 8 -8.88 -5.18 3.27
C HIS A 8 -7.61 -4.88 2.49
N PHE A 9 -7.76 -4.07 1.45
CA PHE A 9 -6.63 -3.70 0.62
C PHE A 9 -5.75 -4.91 0.31
N GLN A 10 -6.31 -5.84 -0.43
CA GLN A 10 -5.60 -7.04 -0.81
C GLN A 10 -4.81 -6.82 -2.09
N VAL A 11 -5.55 -6.76 -3.20
CA VAL A 11 -4.94 -6.54 -4.49
C VAL A 11 -3.83 -5.49 -4.37
N GLN A 12 -4.16 -4.41 -3.68
CA GLN A 12 -3.22 -3.32 -3.49
C GLN A 12 -2.02 -3.81 -2.67
N LEU A 13 -2.31 -4.56 -1.62
CA LEU A 13 -1.28 -5.08 -0.76
C LEU A 13 -0.44 -6.11 -1.54
N GLU A 14 -1.09 -6.71 -2.53
CA GLU A 14 -0.43 -7.70 -3.36
C GLU A 14 0.43 -7.01 -4.42
N GLN A 15 -0.23 -6.18 -5.21
CA GLN A 15 0.45 -5.46 -6.28
C GLN A 15 1.60 -4.63 -5.71
N LEU A 16 1.34 -4.02 -4.56
CA LEU A 16 2.35 -3.20 -3.91
C LEU A 16 3.53 -4.09 -3.51
N ARG A 17 3.21 -5.16 -2.81
CA ARG A 17 4.23 -6.10 -2.35
C ARG A 17 5.27 -6.31 -3.44
N SER A 18 4.78 -6.46 -4.67
CA SER A 18 5.66 -6.67 -5.80
C SER A 18 6.57 -5.45 -6.00
N MET A 19 5.94 -4.28 -5.93
CA MET A 19 6.68 -3.03 -6.10
C MET A 19 7.80 -2.92 -5.07
N GLY A 20 7.71 -3.75 -4.04
CA GLY A 20 8.71 -3.74 -2.98
C GLY A 20 8.15 -3.08 -1.71
N PHE A 21 6.83 -3.15 -1.57
CA PHE A 21 6.17 -2.57 -0.42
C PHE A 21 5.83 -3.65 0.62
N LEU A 22 6.84 -4.00 1.40
CA LEU A 22 6.68 -5.02 2.43
C LEU A 22 6.33 -4.35 3.75
N ASN A 23 5.48 -3.33 3.67
CA ASN A 23 5.07 -2.59 4.84
C ASN A 23 3.54 -2.47 4.85
N ARG A 24 2.88 -3.62 4.85
CA ARG A 24 1.43 -3.66 4.86
C ARG A 24 0.87 -2.57 5.79
N GLU A 25 1.34 -2.60 7.03
CA GLU A 25 0.90 -1.62 8.01
C GLU A 25 0.82 -0.23 7.38
N ALA A 26 1.94 0.20 6.84
CA ALA A 26 2.02 1.50 6.20
C ALA A 26 1.12 1.51 4.95
N ASN A 27 1.34 0.52 4.10
CA ASN A 27 0.56 0.41 2.88
C ASN A 27 -0.91 0.64 3.19
N LEU A 28 -1.38 -0.05 4.23
CA LEU A 28 -2.77 0.07 4.64
C LEU A 28 -3.10 1.54 4.88
N GLN A 29 -2.54 2.08 5.95
CA GLN A 29 -2.77 3.47 6.30
C GLN A 29 -2.73 4.34 5.04
N ALA A 30 -1.64 4.23 4.31
CA ALA A 30 -1.48 4.99 3.08
C ALA A 30 -2.67 4.74 2.15
N LEU A 31 -3.03 3.47 2.04
CA LEU A 31 -4.13 3.07 1.19
C LEU A 31 -5.43 3.70 1.73
N ILE A 32 -5.62 3.53 3.03
CA ILE A 32 -6.81 4.09 3.68
C ILE A 32 -6.94 5.57 3.33
N ALA A 33 -5.80 6.25 3.38
CA ALA A 33 -5.77 7.67 3.08
C ALA A 33 -6.23 7.89 1.64
N THR A 34 -5.70 7.06 0.75
CA THR A 34 -6.05 7.16 -0.66
C THR A 34 -7.26 6.27 -0.97
N GLY A 35 -8.02 5.97 0.07
CA GLY A 35 -9.20 5.14 -0.08
C GLY A 35 -8.91 3.95 -0.98
N GLY A 36 -7.93 3.15 -0.58
CA GLY A 36 -7.55 1.98 -1.35
C GLY A 36 -7.11 2.36 -2.76
N ASP A 37 -5.88 2.85 -2.85
CA ASP A 37 -5.32 3.27 -4.13
C ASP A 37 -3.82 3.01 -4.13
N VAL A 38 -3.39 2.18 -5.08
CA VAL A 38 -1.98 1.85 -5.20
C VAL A 38 -1.23 3.04 -5.81
N ASP A 39 -1.63 3.39 -7.02
CA ASP A 39 -1.01 4.51 -7.72
C ASP A 39 -0.77 5.65 -6.73
N ALA A 40 -1.83 6.03 -6.04
CA ALA A 40 -1.75 7.10 -5.07
C ALA A 40 -0.83 6.68 -3.91
N ALA A 41 -1.25 5.61 -3.24
CA ALA A 41 -0.49 5.09 -2.12
C ALA A 41 1.00 5.14 -2.46
N VAL A 42 1.32 4.71 -3.66
CA VAL A 42 2.70 4.70 -4.11
C VAL A 42 3.28 6.11 -3.99
N GLU A 43 2.54 7.07 -4.54
CA GLU A 43 2.97 8.45 -4.49
C GLU A 43 3.36 8.85 -3.07
N LYS A 44 2.64 8.27 -2.11
CA LYS A 44 2.90 8.56 -0.71
C LYS A 44 4.02 7.64 -0.21
N LEU A 45 3.77 6.35 -0.30
CA LEU A 45 4.75 5.37 0.14
C LEU A 45 6.14 5.81 -0.31
N ARG A 46 6.20 6.33 -1.53
CA ARG A 46 7.46 6.80 -2.09
C ARG A 46 8.06 7.90 -1.21
N GLN A 47 7.27 8.95 -1.04
CA GLN A 47 7.70 10.08 -0.22
C GLN A 47 8.27 9.59 1.11
N SER A 48 7.46 8.81 1.81
CA SER A 48 7.86 8.28 3.10
C SER A 48 9.23 7.61 2.98
N SER A 49 9.30 6.61 2.10
CA SER A 49 10.54 5.89 1.89
C SER A 49 10.45 5.08 0.58
N GLY A 50 11.58 5.03 -0.11
CA GLY A 50 11.64 4.29 -1.36
C GLY A 50 13.06 4.28 -1.92
N PRO A 51 13.42 5.38 -2.63
CA PRO A 51 14.74 5.51 -3.21
C PRO A 51 15.79 5.83 -2.15
N SER A 52 16.88 5.09 -2.19
CA SER A 52 17.95 5.28 -1.24
C SER A 52 19.10 6.07 -1.88
N SER A 53 19.68 5.48 -2.91
CA SER A 53 20.77 6.11 -3.62
C SER A 53 20.27 7.34 -4.39
N GLY A 54 21.01 8.42 -4.24
CA GLY A 54 20.65 9.67 -4.90
C GLY A 54 21.39 10.85 -4.29
N GLY A 1 -21.54 -5.56 13.18
CA GLY A 1 -20.49 -4.62 12.81
C GLY A 1 -20.55 -4.27 11.32
N SER A 2 -19.81 -3.24 10.95
CA SER A 2 -19.77 -2.81 9.56
C SER A 2 -18.49 -3.30 8.89
N SER A 3 -17.37 -2.92 9.48
CA SER A 3 -16.07 -3.32 8.95
C SER A 3 -15.09 -3.61 10.10
N GLY A 4 -14.21 -4.56 9.87
CA GLY A 4 -13.22 -4.93 10.87
C GLY A 4 -11.97 -5.51 10.21
N SER A 5 -12.02 -6.80 9.95
CA SER A 5 -10.90 -7.49 9.33
C SER A 5 -11.41 -8.69 8.53
N SER A 6 -11.09 -8.68 7.24
CA SER A 6 -11.51 -9.74 6.36
C SER A 6 -10.90 -9.54 4.97
N GLY A 7 -11.24 -8.41 4.36
CA GLY A 7 -10.74 -8.08 3.04
C GLY A 7 -11.04 -6.62 2.69
N HIS A 8 -9.97 -5.90 2.40
CA HIS A 8 -10.10 -4.49 2.05
C HIS A 8 -9.06 -4.13 0.97
N PHE A 9 -7.85 -3.88 1.44
CA PHE A 9 -6.76 -3.53 0.53
C PHE A 9 -5.86 -4.73 0.27
N GLN A 10 -6.41 -5.73 -0.39
CA GLN A 10 -5.67 -6.93 -0.71
C GLN A 10 -4.87 -6.73 -2.01
N VAL A 11 -5.59 -6.72 -3.11
CA VAL A 11 -4.96 -6.54 -4.41
C VAL A 11 -3.87 -5.48 -4.31
N GLN A 12 -4.27 -4.31 -3.84
CA GLN A 12 -3.34 -3.20 -3.69
C GLN A 12 -2.12 -3.65 -2.86
N LEU A 13 -2.41 -4.40 -1.80
CA LEU A 13 -1.37 -4.89 -0.93
C LEU A 13 -0.56 -5.97 -1.66
N GLU A 14 -1.21 -6.60 -2.62
CA GLU A 14 -0.56 -7.65 -3.41
C GLU A 14 0.37 -7.03 -4.44
N GLN A 15 -0.18 -6.15 -5.26
CA GLN A 15 0.60 -5.47 -6.28
C GLN A 15 1.79 -4.75 -5.66
N LEU A 16 1.52 -4.08 -4.55
CA LEU A 16 2.56 -3.34 -3.86
C LEU A 16 3.66 -4.31 -3.41
N ARG A 17 3.24 -5.34 -2.69
CA ARG A 17 4.17 -6.34 -2.20
C ARG A 17 5.22 -6.65 -3.26
N SER A 18 4.77 -6.71 -4.50
CA SER A 18 5.66 -7.00 -5.63
C SER A 18 6.64 -5.84 -5.81
N MET A 19 6.11 -4.64 -5.80
CA MET A 19 6.93 -3.45 -5.97
C MET A 19 8.08 -3.44 -4.97
N GLY A 20 7.90 -4.20 -3.90
CA GLY A 20 8.92 -4.28 -2.85
C GLY A 20 8.46 -3.56 -1.58
N PHE A 21 7.15 -3.50 -1.41
CA PHE A 21 6.58 -2.85 -0.24
C PHE A 21 6.18 -3.88 0.81
N LEU A 22 7.17 -4.38 1.51
CA LEU A 22 6.94 -5.37 2.55
C LEU A 22 6.63 -4.66 3.87
N ASN A 23 5.69 -3.72 3.79
CA ASN A 23 5.29 -2.96 4.96
C ASN A 23 3.80 -2.66 4.89
N ARG A 24 3.02 -3.71 4.68
CA ARG A 24 1.58 -3.57 4.59
C ARG A 24 1.08 -2.51 5.57
N GLU A 25 1.54 -2.65 6.82
CA GLU A 25 1.15 -1.72 7.86
C GLU A 25 1.08 -0.29 7.31
N ALA A 26 2.14 0.11 6.62
CA ALA A 26 2.21 1.43 6.04
C ALA A 26 1.28 1.50 4.83
N ASN A 27 1.46 0.54 3.94
CA ASN A 27 0.63 0.48 2.74
C ASN A 27 -0.83 0.71 3.11
N LEU A 28 -1.26 0.00 4.16
CA LEU A 28 -2.63 0.12 4.62
C LEU A 28 -2.94 1.58 4.92
N GLN A 29 -2.30 2.10 5.96
CA GLN A 29 -2.50 3.48 6.36
C GLN A 29 -2.59 4.38 5.12
N ALA A 30 -1.60 4.24 4.25
CA ALA A 30 -1.56 5.04 3.03
C ALA A 30 -2.82 4.75 2.21
N LEU A 31 -3.04 3.47 1.94
CA LEU A 31 -4.20 3.06 1.16
C LEU A 31 -5.46 3.66 1.78
N ILE A 32 -5.51 3.62 3.11
CA ILE A 32 -6.65 4.16 3.84
C ILE A 32 -6.82 5.63 3.49
N ALA A 33 -5.71 6.36 3.52
CA ALA A 33 -5.73 7.77 3.21
C ALA A 33 -6.26 7.98 1.78
N THR A 34 -5.57 7.35 0.84
CA THR A 34 -5.96 7.44 -0.56
C THR A 34 -7.42 7.00 -0.74
N GLY A 35 -7.74 5.88 -0.12
CA GLY A 35 -9.09 5.34 -0.20
C GLY A 35 -9.10 4.04 -1.02
N GLY A 36 -8.00 3.31 -0.93
CA GLY A 36 -7.87 2.05 -1.65
C GLY A 36 -7.30 2.27 -3.05
N ASP A 37 -6.19 3.00 -3.08
CA ASP A 37 -5.53 3.29 -4.36
C ASP A 37 -4.08 2.81 -4.29
N VAL A 38 -3.60 2.32 -5.42
CA VAL A 38 -2.24 1.83 -5.50
C VAL A 38 -1.31 2.97 -5.95
N ASP A 39 -1.61 3.50 -7.13
CA ASP A 39 -0.82 4.59 -7.68
C ASP A 39 -0.68 5.70 -6.62
N ALA A 40 -1.83 6.15 -6.14
CA ALA A 40 -1.85 7.19 -5.13
C ALA A 40 -1.02 6.75 -3.93
N ALA A 41 -1.24 5.52 -3.51
CA ALA A 41 -0.52 4.97 -2.38
C ALA A 41 0.98 5.10 -2.62
N VAL A 42 1.40 4.64 -3.80
CA VAL A 42 2.80 4.69 -4.16
C VAL A 42 3.32 6.11 -3.95
N GLU A 43 2.62 7.07 -4.54
CA GLU A 43 3.00 8.47 -4.41
C GLU A 43 3.25 8.82 -2.94
N LYS A 44 2.49 8.16 -2.07
CA LYS A 44 2.62 8.40 -0.64
C LYS A 44 3.75 7.54 -0.08
N LEU A 45 3.61 6.24 -0.27
CA LEU A 45 4.62 5.30 0.21
C LEU A 45 6.01 5.82 -0.17
N ARG A 46 6.14 6.25 -1.42
CA ARG A 46 7.39 6.76 -1.90
C ARG A 46 7.86 7.95 -1.05
N GLN A 47 6.97 8.92 -0.93
CA GLN A 47 7.27 10.11 -0.15
C GLN A 47 7.86 9.72 1.21
N SER A 48 7.08 8.95 1.96
CA SER A 48 7.52 8.49 3.27
C SER A 48 9.00 8.10 3.23
N SER A 49 9.29 7.13 2.37
CA SER A 49 10.66 6.66 2.22
C SER A 49 10.76 5.75 1.00
N GLY A 50 9.98 4.68 1.02
CA GLY A 50 9.97 3.73 -0.07
C GLY A 50 11.11 2.72 0.08
N PRO A 51 11.65 2.28 -1.09
CA PRO A 51 12.73 1.31 -1.10
C PRO A 51 14.05 1.97 -0.70
N SER A 52 14.49 1.65 0.51
CA SER A 52 15.73 2.20 1.03
C SER A 52 16.84 2.06 -0.02
N SER A 53 17.83 2.95 0.09
CA SER A 53 18.94 2.93 -0.84
C SER A 53 20.17 3.54 -0.18
N GLY A 54 21.34 3.10 -0.64
CA GLY A 54 22.60 3.59 -0.11
C GLY A 54 22.73 3.24 1.38
N GLY A 1 -8.57 -12.72 -9.95
CA GLY A 1 -9.83 -12.65 -9.24
C GLY A 1 -10.68 -11.49 -9.76
N SER A 2 -11.97 -11.54 -9.41
CA SER A 2 -12.88 -10.50 -9.83
C SER A 2 -13.01 -9.44 -8.73
N SER A 3 -13.43 -9.88 -7.56
CA SER A 3 -13.59 -8.99 -6.43
C SER A 3 -12.67 -9.41 -5.28
N GLY A 4 -12.85 -10.65 -4.84
CA GLY A 4 -12.04 -11.19 -3.77
C GLY A 4 -12.92 -11.58 -2.57
N SER A 5 -12.51 -12.63 -1.89
CA SER A 5 -13.25 -13.11 -0.74
C SER A 5 -12.69 -12.49 0.54
N SER A 6 -13.34 -11.41 0.96
CA SER A 6 -12.91 -10.70 2.16
C SER A 6 -11.48 -10.20 2.00
N GLY A 7 -11.34 -8.88 1.98
CA GLY A 7 -10.04 -8.26 1.83
C GLY A 7 -10.17 -6.83 1.31
N HIS A 8 -10.06 -5.88 2.23
CA HIS A 8 -10.17 -4.48 1.88
C HIS A 8 -9.09 -4.12 0.86
N PHE A 9 -7.88 -3.91 1.37
CA PHE A 9 -6.76 -3.56 0.51
C PHE A 9 -5.88 -4.79 0.23
N GLN A 10 -6.48 -5.75 -0.47
CA GLN A 10 -5.76 -6.97 -0.81
C GLN A 10 -4.94 -6.77 -2.09
N VAL A 11 -5.65 -6.69 -3.21
CA VAL A 11 -5.00 -6.50 -4.49
C VAL A 11 -3.86 -5.48 -4.33
N GLN A 12 -4.21 -4.35 -3.77
CA GLN A 12 -3.24 -3.28 -3.55
C GLN A 12 -2.06 -3.80 -2.74
N LEU A 13 -2.38 -4.50 -1.66
CA LEU A 13 -1.36 -5.06 -0.79
C LEU A 13 -0.52 -6.07 -1.58
N GLU A 14 -1.19 -6.77 -2.47
CA GLU A 14 -0.53 -7.77 -3.29
C GLU A 14 0.33 -7.08 -4.36
N GLN A 15 -0.32 -6.24 -5.14
CA GLN A 15 0.37 -5.53 -6.21
C GLN A 15 1.57 -4.77 -5.64
N LEU A 16 1.34 -4.11 -4.51
CA LEU A 16 2.38 -3.34 -3.86
C LEU A 16 3.53 -4.28 -3.46
N ARG A 17 3.15 -5.34 -2.76
CA ARG A 17 4.13 -6.32 -2.31
C ARG A 17 5.19 -6.56 -3.40
N SER A 18 4.70 -6.67 -4.63
CA SER A 18 5.59 -6.89 -5.76
C SER A 18 6.53 -5.70 -5.93
N MET A 19 5.94 -4.50 -5.92
CA MET A 19 6.71 -3.29 -6.06
C MET A 19 7.86 -3.23 -5.06
N GLY A 20 7.72 -4.03 -4.00
CA GLY A 20 8.73 -4.07 -2.97
C GLY A 20 8.25 -3.37 -1.70
N PHE A 21 6.94 -3.29 -1.56
CA PHE A 21 6.35 -2.63 -0.41
C PHE A 21 5.99 -3.66 0.68
N LEU A 22 7.03 -4.17 1.33
CA LEU A 22 6.84 -5.15 2.38
C LEU A 22 6.54 -4.43 3.71
N ASN A 23 5.56 -3.53 3.63
CA ASN A 23 5.17 -2.77 4.81
C ASN A 23 3.65 -2.60 4.81
N ARG A 24 2.96 -3.73 4.78
CA ARG A 24 1.51 -3.72 4.78
C ARG A 24 0.98 -2.63 5.72
N GLU A 25 1.43 -2.72 6.97
CA GLU A 25 1.01 -1.76 7.98
C GLU A 25 0.96 -0.35 7.38
N ALA A 26 2.05 0.02 6.72
CA ALA A 26 2.13 1.33 6.09
C ALA A 26 1.22 1.36 4.87
N ASN A 27 1.40 0.37 4.00
CA ASN A 27 0.62 0.28 2.78
C ASN A 27 -0.85 0.52 3.12
N LEU A 28 -1.30 -0.11 4.20
CA LEU A 28 -2.68 0.01 4.63
C LEU A 28 -2.98 1.49 4.91
N GLN A 29 -2.38 2.00 5.99
CA GLN A 29 -2.59 3.38 6.37
C GLN A 29 -2.57 4.28 5.13
N ALA A 30 -1.51 4.15 4.36
CA ALA A 30 -1.35 4.93 3.15
C ALA A 30 -2.55 4.70 2.23
N LEU A 31 -2.83 3.42 1.99
CA LEU A 31 -3.95 3.04 1.14
C LEU A 31 -5.23 3.67 1.68
N ILE A 32 -5.39 3.60 3.00
CA ILE A 32 -6.56 4.15 3.65
C ILE A 32 -6.69 5.63 3.29
N ALA A 33 -5.60 6.35 3.50
CA ALA A 33 -5.58 7.78 3.20
C ALA A 33 -6.12 8.01 1.78
N THR A 34 -5.46 7.39 0.82
CA THR A 34 -5.87 7.52 -0.57
C THR A 34 -7.31 7.02 -0.74
N GLY A 35 -7.59 5.89 -0.10
CA GLY A 35 -8.92 5.30 -0.18
C GLY A 35 -8.90 4.02 -1.02
N GLY A 36 -7.77 3.33 -0.97
CA GLY A 36 -7.61 2.09 -1.71
C GLY A 36 -7.10 2.37 -3.13
N ASP A 37 -5.91 2.95 -3.19
CA ASP A 37 -5.30 3.27 -4.46
C ASP A 37 -3.80 3.00 -4.39
N VAL A 38 -3.33 2.12 -5.27
CA VAL A 38 -1.92 1.77 -5.32
C VAL A 38 -1.12 2.95 -5.88
N ASP A 39 -1.48 3.33 -7.10
CA ASP A 39 -0.80 4.43 -7.78
C ASP A 39 -0.66 5.60 -6.80
N ALA A 40 -1.79 6.05 -6.29
CA ALA A 40 -1.80 7.16 -5.35
C ALA A 40 -0.96 6.79 -4.13
N ALA A 41 -1.24 5.62 -3.59
CA ALA A 41 -0.51 5.14 -2.42
C ALA A 41 0.99 5.26 -2.68
N VAL A 42 1.42 4.68 -3.79
CA VAL A 42 2.82 4.71 -4.16
C VAL A 42 3.36 6.14 -3.98
N GLU A 43 2.66 7.08 -4.60
CA GLU A 43 3.05 8.48 -4.52
C GLU A 43 3.33 8.87 -3.07
N LYS A 44 2.50 8.35 -2.18
CA LYS A 44 2.65 8.63 -0.76
C LYS A 44 3.76 7.75 -0.18
N LEU A 45 3.56 6.44 -0.29
CA LEU A 45 4.52 5.49 0.21
C LEU A 45 5.93 5.98 -0.11
N ARG A 46 6.10 6.43 -1.34
CA ARG A 46 7.39 6.94 -1.79
C ARG A 46 7.83 8.12 -0.93
N GLN A 47 6.96 9.12 -0.88
CA GLN A 47 7.24 10.32 -0.10
C GLN A 47 7.82 9.93 1.26
N SER A 48 7.06 9.12 1.98
CA SER A 48 7.48 8.68 3.30
C SER A 48 8.82 7.93 3.20
N SER A 49 8.81 6.88 2.40
CA SER A 49 10.01 6.08 2.20
C SER A 49 10.44 6.15 0.74
N GLY A 50 11.57 6.82 0.52
CA GLY A 50 12.11 6.96 -0.82
C GLY A 50 13.63 6.86 -0.81
N PRO A 51 14.13 5.63 -1.11
CA PRO A 51 15.56 5.39 -1.14
C PRO A 51 16.20 6.00 -2.39
N SER A 52 15.61 5.66 -3.53
CA SER A 52 16.10 6.16 -4.80
C SER A 52 15.11 7.16 -5.40
N SER A 53 15.31 8.43 -5.07
CA SER A 53 14.43 9.48 -5.56
C SER A 53 15.20 10.38 -6.53
N GLY A 54 16.28 10.97 -6.01
CA GLY A 54 17.10 11.86 -6.81
C GLY A 54 16.94 13.31 -6.36
N GLY A 1 -10.72 -14.26 6.11
CA GLY A 1 -11.56 -13.24 5.49
C GLY A 1 -12.92 -13.17 6.18
N SER A 2 -13.58 -12.04 6.02
CA SER A 2 -14.89 -11.83 6.61
C SER A 2 -15.71 -10.88 5.74
N SER A 3 -17.02 -10.91 5.97
CA SER A 3 -17.92 -10.06 5.21
C SER A 3 -17.70 -10.26 3.71
N GLY A 4 -18.34 -11.29 3.19
CA GLY A 4 -18.22 -11.60 1.77
C GLY A 4 -16.77 -11.50 1.31
N SER A 5 -16.03 -12.57 1.54
CA SER A 5 -14.63 -12.61 1.15
C SER A 5 -13.88 -11.43 1.76
N SER A 6 -12.56 -11.49 1.66
CA SER A 6 -11.72 -10.43 2.20
C SER A 6 -11.63 -9.27 1.21
N GLY A 7 -11.86 -8.08 1.73
CA GLY A 7 -11.81 -6.88 0.90
C GLY A 7 -11.18 -5.72 1.67
N HIS A 8 -9.91 -5.88 1.99
CA HIS A 8 -9.17 -4.85 2.71
C HIS A 8 -7.82 -4.62 2.04
N PHE A 9 -7.81 -3.68 1.12
CA PHE A 9 -6.59 -3.34 0.40
C PHE A 9 -5.76 -4.60 0.12
N GLN A 10 -6.43 -5.60 -0.45
CA GLN A 10 -5.77 -6.84 -0.78
C GLN A 10 -4.98 -6.71 -2.08
N VAL A 11 -5.72 -6.62 -3.18
CA VAL A 11 -5.09 -6.48 -4.48
C VAL A 11 -3.91 -5.51 -4.38
N GLN A 12 -4.16 -4.39 -3.71
CA GLN A 12 -3.13 -3.38 -3.53
C GLN A 12 -1.97 -3.94 -2.70
N LEU A 13 -2.32 -4.56 -1.59
CA LEU A 13 -1.32 -5.14 -0.71
C LEU A 13 -0.54 -6.21 -1.48
N GLU A 14 -1.21 -6.80 -2.46
CA GLU A 14 -0.59 -7.83 -3.27
C GLU A 14 0.33 -7.20 -4.31
N GLN A 15 -0.24 -6.31 -5.10
CA GLN A 15 0.51 -5.64 -6.15
C GLN A 15 1.69 -4.88 -5.54
N LEU A 16 1.40 -4.15 -4.47
CA LEU A 16 2.43 -3.37 -3.79
C LEU A 16 3.59 -4.29 -3.42
N ARG A 17 3.25 -5.37 -2.73
CA ARG A 17 4.25 -6.34 -2.30
C ARG A 17 5.28 -6.55 -3.42
N SER A 18 4.77 -6.76 -4.61
CA SER A 18 5.64 -6.98 -5.76
C SER A 18 6.53 -5.76 -5.99
N MET A 19 5.91 -4.59 -5.94
CA MET A 19 6.64 -3.35 -6.13
C MET A 19 7.80 -3.23 -5.14
N GLY A 20 7.71 -4.04 -4.08
CA GLY A 20 8.74 -4.04 -3.05
C GLY A 20 8.24 -3.34 -1.78
N PHE A 21 6.92 -3.32 -1.64
CA PHE A 21 6.31 -2.70 -0.48
C PHE A 21 6.01 -3.73 0.61
N LEU A 22 7.08 -4.16 1.27
CA LEU A 22 6.95 -5.14 2.32
C LEU A 22 6.64 -4.44 3.64
N ASN A 23 5.66 -3.54 3.58
CA ASN A 23 5.27 -2.79 4.76
C ASN A 23 3.75 -2.61 4.76
N ARG A 24 3.05 -3.74 4.75
CA ARG A 24 1.61 -3.73 4.74
C ARG A 24 1.08 -2.62 5.67
N GLU A 25 1.57 -2.63 6.89
CA GLU A 25 1.17 -1.64 7.86
C GLU A 25 1.03 -0.27 7.20
N ALA A 26 2.15 0.22 6.69
CA ALA A 26 2.17 1.52 6.03
C ALA A 26 1.25 1.47 4.81
N ASN A 27 1.50 0.49 3.96
CA ASN A 27 0.70 0.33 2.75
C ASN A 27 -0.77 0.55 3.09
N LEU A 28 -1.20 -0.09 4.17
CA LEU A 28 -2.58 0.02 4.60
C LEU A 28 -2.92 1.50 4.82
N GLN A 29 -2.32 2.06 5.86
CA GLN A 29 -2.55 3.46 6.19
C GLN A 29 -2.57 4.32 4.92
N ALA A 30 -1.50 4.19 4.15
CA ALA A 30 -1.38 4.95 2.92
C ALA A 30 -2.62 4.68 2.05
N LEU A 31 -2.90 3.41 1.84
CA LEU A 31 -4.04 3.01 1.04
C LEU A 31 -5.31 3.63 1.63
N ILE A 32 -5.35 3.66 2.96
CA ILE A 32 -6.49 4.22 3.65
C ILE A 32 -6.61 5.71 3.33
N ALA A 33 -5.48 6.39 3.40
CA ALA A 33 -5.44 7.81 3.12
C ALA A 33 -6.02 8.08 1.73
N THR A 34 -5.44 7.42 0.74
CA THR A 34 -5.90 7.57 -0.62
C THR A 34 -7.35 7.13 -0.76
N GLY A 35 -7.64 5.94 -0.22
CA GLY A 35 -8.98 5.39 -0.26
C GLY A 35 -9.02 4.09 -1.05
N GLY A 36 -7.92 3.34 -0.95
CA GLY A 36 -7.82 2.07 -1.64
C GLY A 36 -7.27 2.27 -3.05
N ASP A 37 -6.16 2.99 -3.13
CA ASP A 37 -5.53 3.26 -4.41
C ASP A 37 -4.03 2.95 -4.31
N VAL A 38 -3.52 2.33 -5.36
CA VAL A 38 -2.10 1.98 -5.39
C VAL A 38 -1.30 3.14 -5.96
N ASP A 39 -1.62 3.49 -7.21
CA ASP A 39 -0.93 4.59 -7.87
C ASP A 39 -0.74 5.73 -6.88
N ALA A 40 -1.83 6.11 -6.24
CA ALA A 40 -1.79 7.19 -5.27
C ALA A 40 -0.94 6.76 -4.06
N ALA A 41 -1.35 5.65 -3.47
CA ALA A 41 -0.64 5.13 -2.31
C ALA A 41 0.88 5.21 -2.57
N VAL A 42 1.25 4.77 -3.76
CA VAL A 42 2.66 4.77 -4.14
C VAL A 42 3.23 6.17 -3.93
N GLU A 43 2.55 7.15 -4.51
CA GLU A 43 2.98 8.54 -4.39
C GLU A 43 3.22 8.90 -2.93
N LYS A 44 2.45 8.25 -2.05
CA LYS A 44 2.57 8.50 -0.63
C LYS A 44 3.69 7.63 -0.06
N LEU A 45 3.52 6.32 -0.21
CA LEU A 45 4.50 5.37 0.28
C LEU A 45 5.91 5.88 -0.07
N ARG A 46 6.05 6.34 -1.29
CA ARG A 46 7.33 6.86 -1.76
C ARG A 46 7.80 7.99 -0.85
N GLN A 47 6.99 9.03 -0.79
CA GLN A 47 7.31 10.19 0.04
C GLN A 47 7.87 9.73 1.38
N SER A 48 7.02 9.06 2.14
CA SER A 48 7.41 8.57 3.45
C SER A 48 8.79 7.91 3.38
N SER A 49 8.88 6.91 2.52
CA SER A 49 10.14 6.20 2.34
C SER A 49 10.63 6.36 0.89
N GLY A 50 11.61 7.23 0.73
CA GLY A 50 12.17 7.48 -0.60
C GLY A 50 13.68 7.20 -0.60
N PRO A 51 14.02 5.96 -1.02
CA PRO A 51 15.42 5.55 -1.08
C PRO A 51 16.12 6.18 -2.28
N SER A 52 15.43 6.16 -3.42
CA SER A 52 15.97 6.73 -4.64
C SER A 52 17.32 6.08 -4.97
N SER A 53 17.26 5.13 -5.90
CA SER A 53 18.47 4.43 -6.31
C SER A 53 19.38 5.37 -7.10
N GLY A 54 20.64 5.40 -6.69
CA GLY A 54 21.62 6.24 -7.35
C GLY A 54 22.40 7.08 -6.34
N GLY A 1 -4.45 -6.05 -11.99
CA GLY A 1 -5.75 -5.52 -11.64
C GLY A 1 -6.84 -6.59 -11.80
N SER A 2 -7.24 -7.15 -10.67
CA SER A 2 -8.27 -8.18 -10.68
C SER A 2 -9.35 -7.85 -9.65
N SER A 3 -10.49 -8.52 -9.80
CA SER A 3 -11.60 -8.30 -8.89
C SER A 3 -11.20 -8.69 -7.46
N GLY A 4 -11.81 -8.00 -6.51
CA GLY A 4 -11.53 -8.24 -5.10
C GLY A 4 -12.69 -7.80 -4.23
N SER A 5 -13.36 -8.78 -3.63
CA SER A 5 -14.49 -8.50 -2.76
C SER A 5 -14.08 -8.71 -1.30
N SER A 6 -13.64 -9.92 -1.00
CA SER A 6 -13.22 -10.25 0.35
C SER A 6 -12.02 -9.39 0.75
N GLY A 7 -12.01 -9.01 2.02
CA GLY A 7 -10.93 -8.18 2.55
C GLY A 7 -11.18 -6.70 2.25
N HIS A 8 -10.09 -5.94 2.27
CA HIS A 8 -10.17 -4.51 2.00
C HIS A 8 -9.11 -4.12 0.97
N PHE A 9 -7.89 -3.94 1.46
CA PHE A 9 -6.78 -3.57 0.61
C PHE A 9 -5.90 -4.78 0.29
N GLN A 10 -6.48 -5.73 -0.43
CA GLN A 10 -5.76 -6.93 -0.80
C GLN A 10 -4.99 -6.71 -2.10
N VAL A 11 -5.74 -6.65 -3.19
CA VAL A 11 -5.14 -6.44 -4.50
C VAL A 11 -4.02 -5.41 -4.39
N GLN A 12 -4.38 -4.27 -3.80
CA GLN A 12 -3.42 -3.19 -3.62
C GLN A 12 -2.19 -3.68 -2.85
N LEU A 13 -2.48 -4.37 -1.74
CA LEU A 13 -1.42 -4.90 -0.91
C LEU A 13 -0.60 -5.91 -1.71
N GLU A 14 -1.27 -6.57 -2.64
CA GLU A 14 -0.61 -7.56 -3.47
C GLU A 14 0.28 -6.87 -4.51
N GLN A 15 -0.32 -5.96 -5.26
CA GLN A 15 0.40 -5.23 -6.28
C GLN A 15 1.61 -4.52 -5.67
N LEU A 16 1.38 -3.92 -4.51
CA LEU A 16 2.43 -3.21 -3.81
C LEU A 16 3.53 -4.20 -3.41
N ARG A 17 3.11 -5.26 -2.73
CA ARG A 17 4.05 -6.28 -2.28
C ARG A 17 5.11 -6.53 -3.35
N SER A 18 4.65 -6.63 -4.59
CA SER A 18 5.54 -6.86 -5.70
C SER A 18 6.53 -5.71 -5.84
N MET A 19 5.98 -4.51 -5.87
CA MET A 19 6.80 -3.31 -6.01
C MET A 19 7.96 -3.32 -4.99
N GLY A 20 7.73 -4.05 -3.90
CA GLY A 20 8.74 -4.15 -2.86
C GLY A 20 8.28 -3.42 -1.59
N PHE A 21 6.99 -3.15 -1.53
CA PHE A 21 6.42 -2.46 -0.38
C PHE A 21 6.01 -3.46 0.71
N LEU A 22 7.02 -4.01 1.37
CA LEU A 22 6.78 -4.97 2.43
C LEU A 22 6.50 -4.23 3.74
N ASN A 23 5.54 -3.31 3.66
CA ASN A 23 5.15 -2.52 4.82
C ASN A 23 3.62 -2.48 4.92
N ARG A 24 3.04 -3.66 5.10
CA ARG A 24 1.59 -3.76 5.20
C ARG A 24 1.03 -2.59 6.01
N GLU A 25 1.48 -2.51 7.26
CA GLU A 25 1.03 -1.45 8.14
C GLU A 25 0.97 -0.11 7.38
N ALA A 26 2.14 0.32 6.92
CA ALA A 26 2.23 1.57 6.18
C ALA A 26 1.29 1.51 4.97
N ASN A 27 1.50 0.51 4.14
CA ASN A 27 0.68 0.33 2.95
C ASN A 27 -0.79 0.56 3.32
N LEU A 28 -1.26 -0.19 4.29
CA LEU A 28 -2.62 -0.08 4.74
C LEU A 28 -2.97 1.39 4.95
N GLN A 29 -2.34 1.97 5.96
CA GLN A 29 -2.57 3.38 6.28
C GLN A 29 -2.58 4.21 5.00
N ALA A 30 -1.48 4.15 4.27
CA ALA A 30 -1.35 4.89 3.04
C ALA A 30 -2.57 4.62 2.15
N LEU A 31 -2.91 3.35 2.04
CA LEU A 31 -4.05 2.95 1.23
C LEU A 31 -5.31 3.61 1.79
N ILE A 32 -5.52 3.42 3.08
CA ILE A 32 -6.69 3.98 3.75
C ILE A 32 -6.83 5.45 3.36
N ALA A 33 -5.68 6.13 3.33
CA ALA A 33 -5.66 7.55 2.98
C ALA A 33 -6.10 7.71 1.52
N THR A 34 -5.58 6.83 0.68
CA THR A 34 -5.91 6.86 -0.74
C THR A 34 -7.14 6.00 -1.02
N GLY A 35 -8.08 6.04 -0.09
CA GLY A 35 -9.30 5.26 -0.24
C GLY A 35 -9.01 3.89 -0.84
N GLY A 36 -7.83 3.38 -0.54
CA GLY A 36 -7.41 2.09 -1.05
C GLY A 36 -6.95 2.19 -2.51
N ASP A 37 -5.85 2.89 -2.70
CA ASP A 37 -5.30 3.08 -4.04
C ASP A 37 -3.81 2.71 -4.02
N VAL A 38 -3.36 2.19 -5.15
CA VAL A 38 -1.96 1.81 -5.28
C VAL A 38 -1.15 2.99 -5.82
N ASP A 39 -1.62 3.52 -6.94
CA ASP A 39 -0.96 4.65 -7.57
C ASP A 39 -0.75 5.75 -6.53
N ALA A 40 -1.86 6.33 -6.10
CA ALA A 40 -1.82 7.39 -5.11
C ALA A 40 -0.93 6.97 -3.94
N ALA A 41 -1.14 5.74 -3.49
CA ALA A 41 -0.37 5.19 -2.39
C ALA A 41 1.13 5.31 -2.71
N VAL A 42 1.51 4.69 -3.81
CA VAL A 42 2.91 4.72 -4.24
C VAL A 42 3.44 6.13 -4.08
N GLU A 43 2.76 7.07 -4.71
CA GLU A 43 3.16 8.47 -4.66
C GLU A 43 3.47 8.87 -3.21
N LYS A 44 2.70 8.29 -2.30
CA LYS A 44 2.88 8.57 -0.88
C LYS A 44 3.99 7.68 -0.32
N LEU A 45 3.74 6.38 -0.35
CA LEU A 45 4.71 5.42 0.14
C LEU A 45 6.11 5.84 -0.29
N ARG A 46 6.18 6.43 -1.47
CA ARG A 46 7.45 6.88 -2.02
C ARG A 46 8.02 8.01 -1.17
N GLN A 47 7.19 9.03 -0.95
CA GLN A 47 7.59 10.17 -0.16
C GLN A 47 7.61 9.81 1.33
N SER A 48 6.95 8.70 1.64
CA SER A 48 6.87 8.24 3.02
C SER A 48 8.25 7.76 3.48
N SER A 49 8.84 6.88 2.68
CA SER A 49 10.14 6.35 2.99
C SER A 49 10.62 5.45 1.85
N GLY A 50 11.22 6.08 0.84
CA GLY A 50 11.72 5.35 -0.31
C GLY A 50 12.03 6.30 -1.46
N PRO A 51 13.12 7.09 -1.30
CA PRO A 51 13.52 8.04 -2.31
C PRO A 51 14.18 7.33 -3.49
N SER A 52 13.50 7.40 -4.63
CA SER A 52 14.02 6.76 -5.84
C SER A 52 14.12 5.25 -5.63
N SER A 53 13.34 4.52 -6.40
CA SER A 53 13.34 3.07 -6.31
C SER A 53 13.88 2.47 -7.61
N GLY A 54 15.20 2.48 -7.73
CA GLY A 54 15.85 1.94 -8.91
C GLY A 54 17.31 2.41 -9.00
N GLY A 1 -12.44 5.42 11.08
CA GLY A 1 -11.81 4.40 11.90
C GLY A 1 -12.11 3.00 11.35
N SER A 2 -11.35 2.03 11.85
CA SER A 2 -11.53 0.66 11.42
C SER A 2 -10.64 -0.27 12.26
N SER A 3 -11.30 -1.10 13.07
CA SER A 3 -10.58 -2.03 13.92
C SER A 3 -10.70 -3.46 13.35
N GLY A 4 -9.86 -3.74 12.37
CA GLY A 4 -9.86 -5.05 11.74
C GLY A 4 -10.80 -5.08 10.54
N SER A 5 -10.22 -4.92 9.37
CA SER A 5 -11.00 -4.93 8.13
C SER A 5 -10.46 -6.01 7.19
N SER A 6 -10.85 -7.24 7.45
CA SER A 6 -10.42 -8.35 6.64
C SER A 6 -11.00 -8.23 5.23
N GLY A 7 -10.14 -8.43 4.25
CA GLY A 7 -10.56 -8.35 2.86
C GLY A 7 -10.90 -6.90 2.47
N HIS A 8 -9.87 -6.08 2.43
CA HIS A 8 -10.03 -4.67 2.08
C HIS A 8 -9.02 -4.29 1.00
N PHE A 9 -7.82 -3.99 1.44
CA PHE A 9 -6.75 -3.60 0.52
C PHE A 9 -5.81 -4.77 0.26
N GLN A 10 -6.35 -5.78 -0.42
CA GLN A 10 -5.58 -6.96 -0.75
C GLN A 10 -4.82 -6.75 -2.06
N VAL A 11 -5.58 -6.79 -3.15
CA VAL A 11 -5.00 -6.61 -4.47
C VAL A 11 -3.95 -5.50 -4.41
N GLN A 12 -4.35 -4.38 -3.85
CA GLN A 12 -3.45 -3.24 -3.72
C GLN A 12 -2.21 -3.63 -2.92
N LEU A 13 -2.45 -4.33 -1.82
CA LEU A 13 -1.36 -4.77 -0.96
C LEU A 13 -0.50 -5.78 -1.72
N GLU A 14 -1.14 -6.48 -2.64
CA GLU A 14 -0.44 -7.48 -3.44
C GLU A 14 0.48 -6.80 -4.46
N GLN A 15 -0.13 -5.92 -5.26
CA GLN A 15 0.61 -5.20 -6.28
C GLN A 15 1.79 -4.45 -5.65
N LEU A 16 1.51 -3.89 -4.48
CA LEU A 16 2.54 -3.13 -3.76
C LEU A 16 3.64 -4.08 -3.30
N ARG A 17 3.21 -5.20 -2.74
CA ARG A 17 4.15 -6.20 -2.25
C ARG A 17 5.22 -6.48 -3.30
N SER A 18 4.76 -6.70 -4.52
CA SER A 18 5.66 -6.98 -5.63
C SER A 18 6.66 -5.83 -5.79
N MET A 19 6.12 -4.61 -5.81
CA MET A 19 6.93 -3.43 -5.96
C MET A 19 8.05 -3.39 -4.91
N GLY A 20 7.84 -4.15 -3.85
CA GLY A 20 8.81 -4.22 -2.78
C GLY A 20 8.34 -3.43 -1.55
N PHE A 21 7.02 -3.31 -1.45
CA PHE A 21 6.42 -2.58 -0.34
C PHE A 21 6.05 -3.54 0.80
N LEU A 22 7.07 -4.03 1.48
CA LEU A 22 6.86 -4.95 2.58
C LEU A 22 6.56 -4.16 3.86
N ASN A 23 5.60 -3.26 3.74
CA ASN A 23 5.21 -2.42 4.87
C ASN A 23 3.69 -2.36 4.95
N ARG A 24 3.08 -3.53 5.06
CA ARG A 24 1.63 -3.63 5.14
C ARG A 24 1.08 -2.48 5.99
N GLU A 25 1.48 -2.48 7.25
CA GLU A 25 1.03 -1.44 8.17
C GLU A 25 0.98 -0.09 7.47
N ALA A 26 2.09 0.26 6.85
CA ALA A 26 2.18 1.53 6.14
C ALA A 26 1.29 1.47 4.89
N ASN A 27 1.54 0.47 4.07
CA ASN A 27 0.77 0.30 2.85
C ASN A 27 -0.72 0.53 3.16
N LEU A 28 -1.17 -0.11 4.22
CA LEU A 28 -2.56 0.02 4.63
C LEU A 28 -2.91 1.49 4.82
N GLN A 29 -2.30 2.07 5.86
CA GLN A 29 -2.53 3.48 6.16
C GLN A 29 -2.62 4.30 4.87
N ALA A 30 -1.58 4.18 4.05
CA ALA A 30 -1.52 4.90 2.79
C ALA A 30 -2.79 4.59 1.99
N LEU A 31 -3.05 3.31 1.81
CA LEU A 31 -4.22 2.88 1.06
C LEU A 31 -5.48 3.46 1.72
N ILE A 32 -5.45 3.50 3.04
CA ILE A 32 -6.57 4.03 3.79
C ILE A 32 -6.75 5.52 3.48
N ALA A 33 -5.64 6.24 3.54
CA ALA A 33 -5.65 7.67 3.26
C ALA A 33 -6.24 7.90 1.87
N THR A 34 -5.62 7.27 0.88
CA THR A 34 -6.07 7.40 -0.50
C THR A 34 -7.51 6.93 -0.62
N GLY A 35 -7.78 5.75 -0.08
CA GLY A 35 -9.11 5.17 -0.14
C GLY A 35 -9.11 3.89 -0.97
N GLY A 36 -7.99 3.19 -0.94
CA GLY A 36 -7.86 1.95 -1.70
C GLY A 36 -7.28 2.21 -3.08
N ASP A 37 -6.23 3.01 -3.11
CA ASP A 37 -5.58 3.35 -4.37
C ASP A 37 -4.10 2.96 -4.30
N VAL A 38 -3.63 2.37 -5.38
CA VAL A 38 -2.24 1.93 -5.46
C VAL A 38 -1.38 3.08 -5.97
N ASP A 39 -1.69 3.51 -7.18
CA ASP A 39 -0.96 4.60 -7.80
C ASP A 39 -0.74 5.72 -6.78
N ALA A 40 -1.84 6.18 -6.21
CA ALA A 40 -1.78 7.24 -5.22
C ALA A 40 -0.95 6.76 -4.02
N ALA A 41 -1.32 5.59 -3.51
CA ALA A 41 -0.62 5.03 -2.37
C ALA A 41 0.89 5.07 -2.63
N VAL A 42 1.26 4.70 -3.84
CA VAL A 42 2.66 4.69 -4.23
C VAL A 42 3.25 6.08 -4.02
N GLU A 43 2.56 7.07 -4.59
CA GLU A 43 3.00 8.45 -4.47
C GLU A 43 3.34 8.78 -3.01
N LYS A 44 2.52 8.26 -2.11
CA LYS A 44 2.72 8.49 -0.69
C LYS A 44 3.81 7.54 -0.18
N LEU A 45 3.55 6.25 -0.33
CA LEU A 45 4.50 5.25 0.11
C LEU A 45 5.92 5.70 -0.23
N ARG A 46 6.07 6.20 -1.44
CA ARG A 46 7.37 6.68 -1.90
C ARG A 46 7.86 7.82 -1.01
N GLN A 47 7.02 8.84 -0.90
CA GLN A 47 7.35 9.99 -0.09
C GLN A 47 7.97 9.56 1.25
N SER A 48 7.24 8.70 1.95
CA SER A 48 7.70 8.19 3.23
C SER A 48 9.15 7.71 3.11
N SER A 49 9.35 6.73 2.24
CA SER A 49 10.67 6.18 2.02
C SER A 49 11.37 5.95 3.37
N GLY A 50 11.03 4.82 3.99
CA GLY A 50 11.61 4.48 5.28
C GLY A 50 12.95 3.76 5.09
N PRO A 51 13.26 2.86 6.07
CA PRO A 51 14.51 2.11 6.03
C PRO A 51 14.44 1.00 4.97
N SER A 52 14.18 1.43 3.74
CA SER A 52 14.09 0.48 2.63
C SER A 52 15.48 0.24 2.04
N SER A 53 15.87 -1.02 2.04
CA SER A 53 17.17 -1.40 1.51
C SER A 53 17.36 -2.91 1.62
N GLY A 54 17.21 -3.58 0.48
CA GLY A 54 17.37 -5.03 0.43
C GLY A 54 16.07 -5.70 0.00
N GLY A 1 -3.85 -14.55 15.18
CA GLY A 1 -4.43 -15.79 14.69
C GLY A 1 -4.61 -15.75 13.17
N SER A 2 -5.84 -15.50 12.76
CA SER A 2 -6.15 -15.43 11.34
C SER A 2 -5.26 -14.39 10.65
N SER A 3 -5.14 -14.54 9.34
CA SER A 3 -4.33 -13.62 8.56
C SER A 3 -5.02 -12.26 8.45
N GLY A 4 -6.22 -12.29 7.91
CA GLY A 4 -7.00 -11.06 7.74
C GLY A 4 -8.37 -11.37 7.16
N SER A 5 -9.39 -10.80 7.79
CA SER A 5 -10.76 -11.00 7.34
C SER A 5 -11.23 -9.77 6.55
N SER A 6 -12.34 -9.96 5.84
CA SER A 6 -12.91 -8.88 5.05
C SER A 6 -11.81 -8.24 4.18
N GLY A 7 -11.55 -8.88 3.05
CA GLY A 7 -10.53 -8.38 2.13
C GLY A 7 -10.80 -6.93 1.76
N HIS A 8 -9.85 -6.07 2.12
CA HIS A 8 -9.96 -4.66 1.82
C HIS A 8 -8.87 -4.24 0.85
N PHE A 9 -7.66 -4.13 1.39
CA PHE A 9 -6.52 -3.75 0.58
C PHE A 9 -5.67 -4.96 0.21
N GLN A 10 -6.29 -5.86 -0.55
CA GLN A 10 -5.60 -7.07 -0.98
C GLN A 10 -4.86 -6.82 -2.30
N VAL A 11 -5.63 -6.73 -3.37
CA VAL A 11 -5.06 -6.49 -4.68
C VAL A 11 -3.93 -5.46 -4.56
N GLN A 12 -4.17 -4.46 -3.72
CA GLN A 12 -3.19 -3.42 -3.51
C GLN A 12 -1.97 -3.96 -2.76
N LEU A 13 -2.26 -4.65 -1.66
CA LEU A 13 -1.21 -5.23 -0.84
C LEU A 13 -0.37 -6.18 -1.69
N GLU A 14 -1.05 -6.84 -2.63
CA GLU A 14 -0.38 -7.78 -3.51
C GLU A 14 0.48 -7.03 -4.53
N GLN A 15 -0.16 -6.09 -5.22
CA GLN A 15 0.54 -5.31 -6.21
C GLN A 15 1.67 -4.51 -5.58
N LEU A 16 1.40 -4.00 -4.38
CA LEU A 16 2.40 -3.23 -3.65
C LEU A 16 3.57 -4.13 -3.28
N ARG A 17 3.24 -5.31 -2.77
CA ARG A 17 4.25 -6.27 -2.38
C ARG A 17 5.31 -6.41 -3.48
N SER A 18 4.81 -6.51 -4.71
CA SER A 18 5.71 -6.64 -5.85
C SER A 18 6.59 -5.41 -5.99
N MET A 19 5.97 -4.25 -5.77
CA MET A 19 6.69 -2.99 -5.86
C MET A 19 7.81 -2.92 -4.82
N GLY A 20 7.76 -3.85 -3.87
CA GLY A 20 8.75 -3.91 -2.82
C GLY A 20 8.23 -3.26 -1.54
N PHE A 21 6.91 -3.19 -1.44
CA PHE A 21 6.27 -2.61 -0.28
C PHE A 21 5.88 -3.68 0.73
N LEU A 22 6.87 -4.15 1.48
CA LEU A 22 6.65 -5.18 2.48
C LEU A 22 6.27 -4.52 3.80
N ASN A 23 5.36 -3.56 3.72
CA ASN A 23 4.91 -2.84 4.90
C ASN A 23 3.39 -2.71 4.86
N ARG A 24 2.72 -3.72 5.40
CA ARG A 24 1.27 -3.72 5.45
C ARG A 24 0.76 -2.53 6.24
N GLU A 25 1.26 -2.41 7.47
CA GLU A 25 0.86 -1.32 8.34
C GLU A 25 0.85 0.00 7.57
N ALA A 26 1.92 0.21 6.82
CA ALA A 26 2.06 1.43 6.04
C ALA A 26 1.16 1.33 4.79
N ASN A 27 1.38 0.28 4.03
CA ASN A 27 0.60 0.06 2.82
C ASN A 27 -0.87 0.31 3.12
N LEU A 28 -1.30 -0.14 4.29
CA LEU A 28 -2.67 0.03 4.71
C LEU A 28 -2.98 1.52 4.86
N GLN A 29 -2.39 2.12 5.89
CA GLN A 29 -2.59 3.52 6.15
C GLN A 29 -2.62 4.32 4.85
N ALA A 30 -1.60 4.09 4.03
CA ALA A 30 -1.50 4.76 2.75
C ALA A 30 -2.74 4.47 1.92
N LEU A 31 -3.03 3.18 1.79
CA LEU A 31 -4.19 2.75 1.02
C LEU A 31 -5.45 3.37 1.62
N ILE A 32 -5.43 3.54 2.93
CA ILE A 32 -6.56 4.13 3.63
C ILE A 32 -6.65 5.62 3.29
N ALA A 33 -5.55 6.32 3.55
CA ALA A 33 -5.50 7.75 3.27
C ALA A 33 -6.08 8.01 1.89
N THR A 34 -5.60 7.27 0.91
CA THR A 34 -6.06 7.42 -0.45
C THR A 34 -7.49 6.89 -0.59
N GLY A 35 -7.70 5.69 -0.08
CA GLY A 35 -9.00 5.07 -0.14
C GLY A 35 -9.00 3.85 -1.07
N GLY A 36 -7.85 3.19 -1.11
CA GLY A 36 -7.69 2.01 -1.95
C GLY A 36 -7.19 2.40 -3.34
N ASP A 37 -6.02 3.01 -3.36
CA ASP A 37 -5.41 3.43 -4.61
C ASP A 37 -3.90 3.23 -4.54
N VAL A 38 -3.44 2.18 -5.21
CA VAL A 38 -2.03 1.86 -5.23
C VAL A 38 -1.26 3.02 -5.85
N ASP A 39 -1.82 3.55 -6.93
CA ASP A 39 -1.19 4.67 -7.63
C ASP A 39 -0.90 5.79 -6.63
N ALA A 40 -1.96 6.36 -6.09
CA ALA A 40 -1.83 7.43 -5.13
C ALA A 40 -0.95 6.97 -3.96
N ALA A 41 -1.30 5.81 -3.43
CA ALA A 41 -0.55 5.24 -2.32
C ALA A 41 0.94 5.29 -2.63
N VAL A 42 1.27 4.73 -3.79
CA VAL A 42 2.66 4.71 -4.22
C VAL A 42 3.27 6.10 -4.10
N GLU A 43 2.57 7.07 -4.66
CA GLU A 43 3.02 8.45 -4.62
C GLU A 43 3.32 8.86 -3.18
N LYS A 44 2.62 8.22 -2.26
CA LYS A 44 2.80 8.50 -0.84
C LYS A 44 3.92 7.62 -0.28
N LEU A 45 3.71 6.31 -0.41
CA LEU A 45 4.68 5.35 0.08
C LEU A 45 6.09 5.80 -0.34
N ARG A 46 6.16 6.34 -1.55
CA ARG A 46 7.44 6.81 -2.07
C ARG A 46 8.00 7.92 -1.18
N GLN A 47 7.18 8.94 -0.97
CA GLN A 47 7.58 10.07 -0.15
C GLN A 47 8.16 9.58 1.18
N SER A 48 7.37 8.77 1.87
CA SER A 48 7.78 8.23 3.15
C SER A 48 9.15 7.55 3.01
N SER A 49 9.18 6.53 2.17
CA SER A 49 10.41 5.79 1.95
C SER A 49 10.32 5.01 0.64
N GLY A 50 11.46 4.85 0.00
CA GLY A 50 11.53 4.12 -1.26
C GLY A 50 12.90 3.46 -1.45
N PRO A 51 13.33 3.41 -2.74
CA PRO A 51 14.61 2.82 -3.07
C PRO A 51 15.77 3.76 -2.69
N SER A 52 16.82 3.15 -2.15
CA SER A 52 17.99 3.92 -1.75
C SER A 52 18.71 4.47 -2.97
N SER A 53 18.65 5.79 -3.11
CA SER A 53 19.29 6.45 -4.24
C SER A 53 18.74 5.90 -5.56
N GLY A 54 18.06 6.78 -6.29
CA GLY A 54 17.47 6.41 -7.55
C GLY A 54 16.07 7.02 -7.71
N GLY A 1 -6.95 -22.21 -0.04
CA GLY A 1 -8.20 -22.81 0.38
C GLY A 1 -9.37 -22.23 -0.43
N SER A 2 -10.40 -23.05 -0.59
CA SER A 2 -11.58 -22.63 -1.33
C SER A 2 -12.47 -21.75 -0.44
N SER A 3 -12.44 -20.46 -0.74
CA SER A 3 -13.23 -19.50 0.02
C SER A 3 -13.08 -18.11 -0.58
N GLY A 4 -14.01 -17.24 -0.21
CA GLY A 4 -13.98 -15.87 -0.71
C GLY A 4 -13.69 -14.88 0.42
N SER A 5 -12.40 -14.66 0.65
CA SER A 5 -11.97 -13.74 1.70
C SER A 5 -12.31 -12.31 1.29
N SER A 6 -11.82 -11.93 0.12
CA SER A 6 -12.05 -10.59 -0.39
C SER A 6 -11.91 -9.56 0.75
N GLY A 7 -10.67 -9.27 1.08
CA GLY A 7 -10.39 -8.32 2.14
C GLY A 7 -10.69 -6.89 1.69
N HIS A 8 -10.06 -5.94 2.37
CA HIS A 8 -10.25 -4.53 2.04
C HIS A 8 -9.27 -4.13 0.94
N PHE A 9 -8.01 -4.00 1.34
CA PHE A 9 -6.97 -3.62 0.39
C PHE A 9 -5.97 -4.76 0.17
N GLN A 10 -6.50 -5.89 -0.27
CA GLN A 10 -5.68 -7.05 -0.51
C GLN A 10 -4.91 -6.89 -1.84
N VAL A 11 -5.65 -6.97 -2.93
CA VAL A 11 -5.06 -6.83 -4.25
C VAL A 11 -4.00 -5.72 -4.21
N GLN A 12 -4.44 -4.55 -3.76
CA GLN A 12 -3.54 -3.41 -3.67
C GLN A 12 -2.32 -3.75 -2.83
N LEU A 13 -2.58 -4.38 -1.69
CA LEU A 13 -1.50 -4.78 -0.80
C LEU A 13 -0.63 -5.82 -1.48
N GLU A 14 -1.22 -6.50 -2.46
CA GLU A 14 -0.51 -7.53 -3.19
C GLU A 14 0.38 -6.88 -4.26
N GLN A 15 -0.26 -6.13 -5.14
CA GLN A 15 0.47 -5.46 -6.22
C GLN A 15 1.61 -4.62 -5.65
N LEU A 16 1.35 -4.03 -4.49
CA LEU A 16 2.34 -3.20 -3.83
C LEU A 16 3.53 -4.06 -3.41
N ARG A 17 3.22 -5.15 -2.71
CA ARG A 17 4.25 -6.06 -2.25
C ARG A 17 5.29 -6.29 -3.36
N SER A 18 4.80 -6.44 -4.58
CA SER A 18 5.67 -6.67 -5.72
C SER A 18 6.55 -5.44 -5.94
N MET A 19 5.92 -4.27 -5.88
CA MET A 19 6.63 -3.02 -6.08
C MET A 19 7.78 -2.89 -5.07
N GLY A 20 7.72 -3.71 -4.03
CA GLY A 20 8.73 -3.68 -3.00
C GLY A 20 8.18 -3.11 -1.69
N PHE A 21 6.85 -3.12 -1.60
CA PHE A 21 6.19 -2.60 -0.41
C PHE A 21 5.79 -3.74 0.54
N LEU A 22 6.78 -4.17 1.32
CA LEU A 22 6.56 -5.24 2.27
C LEU A 22 6.16 -4.65 3.62
N ASN A 23 5.48 -3.52 3.57
CA ASN A 23 5.05 -2.83 4.77
C ASN A 23 3.52 -2.73 4.78
N ARG A 24 2.89 -3.85 5.12
CA ARG A 24 1.44 -3.90 5.17
C ARG A 24 0.89 -2.68 5.91
N GLU A 25 1.29 -2.56 7.16
CA GLU A 25 0.86 -1.45 7.99
C GLU A 25 0.92 -0.13 7.19
N ALA A 26 2.13 0.23 6.81
CA ALA A 26 2.34 1.45 6.05
C ALA A 26 1.45 1.42 4.81
N ASN A 27 1.61 0.37 4.02
CA ASN A 27 0.83 0.22 2.80
C ASN A 27 -0.64 0.53 3.10
N LEU A 28 -1.17 -0.19 4.07
CA LEU A 28 -2.56 0.00 4.46
C LEU A 28 -2.83 1.49 4.67
N GLN A 29 -2.18 2.04 5.68
CA GLN A 29 -2.34 3.45 6.00
C GLN A 29 -2.43 4.27 4.71
N ALA A 30 -1.43 4.08 3.85
CA ALA A 30 -1.38 4.80 2.59
C ALA A 30 -2.67 4.52 1.80
N LEU A 31 -2.98 3.24 1.68
CA LEU A 31 -4.17 2.82 0.94
C LEU A 31 -5.41 3.45 1.60
N ILE A 32 -5.32 3.61 2.92
CA ILE A 32 -6.41 4.19 3.67
C ILE A 32 -6.51 5.69 3.36
N ALA A 33 -5.36 6.33 3.32
CA ALA A 33 -5.30 7.75 3.03
C ALA A 33 -5.88 8.00 1.63
N THR A 34 -5.37 7.25 0.67
CA THR A 34 -5.82 7.38 -0.70
C THR A 34 -7.29 6.99 -0.82
N GLY A 35 -7.60 5.81 -0.27
CA GLY A 35 -8.96 5.31 -0.31
C GLY A 35 -9.05 4.02 -1.13
N GLY A 36 -8.00 3.21 -1.00
CA GLY A 36 -7.94 1.95 -1.72
C GLY A 36 -7.33 2.14 -3.11
N ASP A 37 -6.32 2.99 -3.18
CA ASP A 37 -5.65 3.27 -4.44
C ASP A 37 -4.17 2.91 -4.31
N VAL A 38 -3.65 2.29 -5.35
CA VAL A 38 -2.25 1.89 -5.37
C VAL A 38 -1.40 3.04 -5.89
N ASP A 39 -1.65 3.41 -7.14
CA ASP A 39 -0.91 4.50 -7.77
C ASP A 39 -0.75 5.64 -6.76
N ALA A 40 -1.86 6.00 -6.14
CA ALA A 40 -1.84 7.07 -5.15
C ALA A 40 -0.96 6.66 -3.98
N ALA A 41 -1.25 5.50 -3.42
CA ALA A 41 -0.49 4.98 -2.29
C ALA A 41 1.01 5.14 -2.58
N VAL A 42 1.40 4.62 -3.73
CA VAL A 42 2.80 4.71 -4.13
C VAL A 42 3.32 6.13 -3.91
N GLU A 43 2.61 7.08 -4.50
CA GLU A 43 2.98 8.48 -4.36
C GLU A 43 3.26 8.82 -2.90
N LYS A 44 2.47 8.20 -2.02
CA LYS A 44 2.61 8.43 -0.60
C LYS A 44 3.76 7.57 -0.06
N LEU A 45 3.59 6.26 -0.18
CA LEU A 45 4.59 5.32 0.29
C LEU A 45 5.97 5.85 -0.08
N ARG A 46 6.08 6.33 -1.31
CA ARG A 46 7.34 6.87 -1.80
C ARG A 46 7.80 8.03 -0.92
N GLN A 47 6.92 9.01 -0.77
CA GLN A 47 7.21 10.18 0.03
C GLN A 47 7.85 9.76 1.36
N SER A 48 7.13 8.91 2.08
CA SER A 48 7.61 8.44 3.37
C SER A 48 8.92 7.67 3.19
N SER A 49 8.85 6.64 2.35
CA SER A 49 10.01 5.81 2.07
C SER A 49 9.94 5.27 0.64
N GLY A 50 10.97 5.57 -0.13
CA GLY A 50 11.04 5.12 -1.51
C GLY A 50 11.50 3.66 -1.58
N PRO A 51 12.27 3.36 -2.67
CA PRO A 51 12.78 2.01 -2.87
C PRO A 51 13.94 1.72 -1.94
N SER A 52 14.36 0.47 -1.91
CA SER A 52 15.46 0.05 -1.07
C SER A 52 15.20 0.46 0.38
N SER A 53 14.38 -0.34 1.05
CA SER A 53 14.04 -0.07 2.43
C SER A 53 15.23 -0.41 3.34
N GLY A 54 15.71 0.62 4.04
CA GLY A 54 16.83 0.44 4.94
C GLY A 54 16.47 -0.49 6.10
N GLY A 1 -3.88 -13.04 13.71
CA GLY A 1 -4.51 -13.15 12.41
C GLY A 1 -5.65 -14.16 12.42
N SER A 2 -5.55 -15.14 11.52
CA SER A 2 -6.55 -16.18 11.43
C SER A 2 -7.90 -15.57 11.03
N SER A 3 -8.56 -16.24 10.09
CA SER A 3 -9.85 -15.78 9.62
C SER A 3 -9.70 -14.42 8.91
N GLY A 4 -9.43 -14.50 7.62
CA GLY A 4 -9.27 -13.30 6.81
C GLY A 4 -9.57 -13.57 5.34
N SER A 5 -10.79 -14.03 5.10
CA SER A 5 -11.22 -14.32 3.74
C SER A 5 -11.41 -13.03 2.95
N SER A 6 -12.31 -12.19 3.45
CA SER A 6 -12.60 -10.92 2.81
C SER A 6 -11.89 -9.79 3.56
N GLY A 7 -10.62 -9.64 3.27
CA GLY A 7 -9.82 -8.59 3.90
C GLY A 7 -10.31 -7.20 3.49
N HIS A 8 -9.35 -6.36 3.12
CA HIS A 8 -9.68 -5.00 2.70
C HIS A 8 -8.78 -4.60 1.52
N PHE A 9 -7.58 -4.16 1.85
CA PHE A 9 -6.63 -3.75 0.85
C PHE A 9 -5.71 -4.90 0.46
N GLN A 10 -6.30 -5.91 -0.19
CA GLN A 10 -5.55 -7.07 -0.63
C GLN A 10 -4.88 -6.80 -1.97
N VAL A 11 -5.71 -6.70 -3.00
CA VAL A 11 -5.21 -6.44 -4.34
C VAL A 11 -4.15 -5.34 -4.28
N GLN A 12 -4.58 -4.18 -3.84
CA GLN A 12 -3.70 -3.03 -3.73
C GLN A 12 -2.38 -3.45 -3.06
N LEU A 13 -2.51 -4.28 -2.03
CA LEU A 13 -1.36 -4.75 -1.30
C LEU A 13 -0.52 -5.67 -2.20
N GLU A 14 -1.23 -6.52 -2.93
CA GLU A 14 -0.57 -7.44 -3.83
C GLU A 14 0.50 -6.72 -4.65
N GLN A 15 0.05 -5.87 -5.56
CA GLN A 15 0.96 -5.12 -6.39
C GLN A 15 2.10 -4.52 -5.56
N LEU A 16 1.71 -3.71 -4.58
CA LEU A 16 2.68 -3.08 -3.71
C LEU A 16 3.70 -4.12 -3.26
N ARG A 17 3.19 -5.21 -2.72
CA ARG A 17 4.04 -6.29 -2.24
C ARG A 17 5.11 -6.62 -3.29
N SER A 18 4.65 -6.84 -4.50
CA SER A 18 5.55 -7.16 -5.60
C SER A 18 6.60 -6.05 -5.76
N MET A 19 6.10 -4.83 -5.82
CA MET A 19 6.99 -3.68 -5.97
C MET A 19 8.10 -3.70 -4.92
N GLY A 20 7.84 -4.42 -3.84
CA GLY A 20 8.80 -4.53 -2.76
C GLY A 20 8.37 -3.70 -1.55
N PHE A 21 7.07 -3.44 -1.49
CA PHE A 21 6.52 -2.67 -0.39
C PHE A 21 6.10 -3.57 0.76
N LEU A 22 7.11 -4.08 1.47
CA LEU A 22 6.86 -4.95 2.60
C LEU A 22 6.56 -4.11 3.84
N ASN A 23 5.60 -3.21 3.68
CA ASN A 23 5.21 -2.33 4.78
C ASN A 23 3.68 -2.30 4.88
N ARG A 24 3.10 -3.49 4.94
CA ARG A 24 1.65 -3.61 5.03
C ARG A 24 1.09 -2.52 5.95
N GLU A 25 1.54 -2.56 7.20
CA GLU A 25 1.09 -1.58 8.17
C GLU A 25 0.99 -0.18 7.53
N ALA A 26 2.08 0.23 6.92
CA ALA A 26 2.13 1.52 6.27
C ALA A 26 1.22 1.51 5.04
N ASN A 27 1.50 0.56 4.15
CA ASN A 27 0.71 0.43 2.94
C ASN A 27 -0.76 0.60 3.26
N LEU A 28 -1.19 -0.10 4.32
CA LEU A 28 -2.58 -0.02 4.75
C LEU A 28 -2.97 1.44 4.98
N GLN A 29 -2.40 2.02 6.03
CA GLN A 29 -2.68 3.40 6.36
C GLN A 29 -2.72 4.26 5.09
N ALA A 30 -1.60 4.26 4.37
CA ALA A 30 -1.49 5.03 3.14
C ALA A 30 -2.71 4.73 2.26
N LEU A 31 -2.91 3.45 2.00
CA LEU A 31 -4.01 3.01 1.17
C LEU A 31 -5.31 3.63 1.69
N ILE A 32 -5.48 3.56 3.00
CA ILE A 32 -6.66 4.10 3.64
C ILE A 32 -6.76 5.59 3.33
N ALA A 33 -5.61 6.26 3.43
CA ALA A 33 -5.55 7.68 3.17
C ALA A 33 -5.90 7.94 1.71
N THR A 34 -5.61 6.95 0.88
CA THR A 34 -5.89 7.06 -0.54
C THR A 34 -7.15 6.27 -0.90
N GLY A 35 -8.02 6.11 0.09
CA GLY A 35 -9.25 5.38 -0.10
C GLY A 35 -9.03 4.12 -0.95
N GLY A 36 -7.91 3.47 -0.70
CA GLY A 36 -7.57 2.26 -1.42
C GLY A 36 -7.16 2.58 -2.85
N ASP A 37 -5.94 3.10 -2.99
CA ASP A 37 -5.41 3.46 -4.29
C ASP A 37 -3.90 3.16 -4.33
N VAL A 38 -3.53 2.25 -5.21
CA VAL A 38 -2.14 1.87 -5.35
C VAL A 38 -1.35 3.05 -5.93
N ASP A 39 -1.70 3.40 -7.16
CA ASP A 39 -1.03 4.51 -7.83
C ASP A 39 -0.81 5.65 -6.83
N ALA A 40 -1.86 5.97 -6.11
CA ALA A 40 -1.80 7.03 -5.12
C ALA A 40 -0.90 6.60 -3.97
N ALA A 41 -1.30 5.52 -3.32
CA ALA A 41 -0.55 4.99 -2.20
C ALA A 41 0.95 5.05 -2.52
N VAL A 42 1.28 4.59 -3.73
CA VAL A 42 2.66 4.59 -4.17
C VAL A 42 3.23 6.01 -4.05
N GLU A 43 2.51 6.96 -4.62
CA GLU A 43 2.93 8.34 -4.58
C GLU A 43 3.24 8.77 -3.15
N LYS A 44 2.51 8.17 -2.22
CA LYS A 44 2.70 8.48 -0.81
C LYS A 44 3.84 7.63 -0.26
N LEU A 45 3.65 6.32 -0.30
CA LEU A 45 4.66 5.40 0.19
C LEU A 45 6.05 5.89 -0.23
N ARG A 46 6.11 6.38 -1.46
CA ARG A 46 7.37 6.88 -2.00
C ARG A 46 7.90 8.03 -1.13
N GLN A 47 7.06 9.04 -0.97
CA GLN A 47 7.43 10.19 -0.15
C GLN A 47 7.94 9.74 1.22
N SER A 48 7.08 9.01 1.91
CA SER A 48 7.42 8.51 3.24
C SER A 48 8.75 7.77 3.19
N SER A 49 8.78 6.73 2.37
CA SER A 49 9.99 5.93 2.23
C SER A 49 11.13 6.80 1.69
N GLY A 50 12.01 7.20 2.60
CA GLY A 50 13.14 8.03 2.24
C GLY A 50 13.83 7.49 0.99
N PRO A 51 14.75 8.33 0.43
CA PRO A 51 15.48 7.95 -0.76
C PRO A 51 16.57 6.93 -0.43
N SER A 52 16.15 5.69 -0.28
CA SER A 52 17.07 4.61 0.04
C SER A 52 16.31 3.30 0.18
N SER A 53 17.05 2.20 0.05
CA SER A 53 16.46 0.88 0.17
C SER A 53 17.54 -0.19 0.01
N GLY A 54 18.06 -0.63 1.15
CA GLY A 54 19.10 -1.64 1.16
C GLY A 54 20.48 -1.02 0.98
N GLY A 1 -17.33 3.70 3.39
CA GLY A 1 -17.44 3.10 4.70
C GLY A 1 -17.57 1.58 4.60
N SER A 2 -18.82 1.12 4.70
CA SER A 2 -19.09 -0.31 4.61
C SER A 2 -18.37 -1.05 5.74
N SER A 3 -19.16 -1.72 6.57
CA SER A 3 -18.61 -2.47 7.68
C SER A 3 -18.40 -3.92 7.28
N GLY A 4 -17.44 -4.55 7.95
CA GLY A 4 -17.12 -5.94 7.67
C GLY A 4 -16.00 -6.06 6.64
N SER A 5 -16.21 -6.95 5.67
CA SER A 5 -15.22 -7.16 4.63
C SER A 5 -13.92 -7.69 5.23
N SER A 6 -13.40 -8.75 4.62
CA SER A 6 -12.17 -9.36 5.09
C SER A 6 -10.99 -8.85 4.25
N GLY A 7 -11.10 -9.03 2.95
CA GLY A 7 -10.06 -8.60 2.04
C GLY A 7 -10.30 -7.16 1.56
N HIS A 8 -9.80 -6.22 2.36
CA HIS A 8 -9.97 -4.81 2.03
C HIS A 8 -8.92 -4.41 1.00
N PHE A 9 -7.71 -4.15 1.48
CA PHE A 9 -6.62 -3.76 0.62
C PHE A 9 -5.73 -4.95 0.28
N GLN A 10 -6.32 -5.92 -0.42
CA GLN A 10 -5.59 -7.10 -0.81
C GLN A 10 -4.83 -6.86 -2.11
N VAL A 11 -5.59 -6.83 -3.19
CA VAL A 11 -5.01 -6.61 -4.51
C VAL A 11 -3.92 -5.54 -4.41
N GLN A 12 -4.28 -4.44 -3.77
CA GLN A 12 -3.34 -3.34 -3.60
C GLN A 12 -2.09 -3.81 -2.85
N LEU A 13 -2.35 -4.51 -1.75
CA LEU A 13 -1.26 -5.03 -0.93
C LEU A 13 -0.41 -5.98 -1.76
N GLU A 14 -1.09 -6.72 -2.64
CA GLU A 14 -0.41 -7.68 -3.49
C GLU A 14 0.46 -6.95 -4.52
N GLN A 15 -0.17 -6.05 -5.26
CA GLN A 15 0.53 -5.28 -6.27
C GLN A 15 1.69 -4.52 -5.65
N LEU A 16 1.44 -3.95 -4.49
CA LEU A 16 2.46 -3.20 -3.78
C LEU A 16 3.60 -4.14 -3.39
N ARG A 17 3.22 -5.22 -2.72
CA ARG A 17 4.21 -6.20 -2.29
C ARG A 17 5.22 -6.48 -3.40
N SER A 18 4.69 -6.58 -4.62
CA SER A 18 5.54 -6.84 -5.77
C SER A 18 6.51 -5.67 -5.98
N MET A 19 5.98 -4.47 -5.80
CA MET A 19 6.78 -3.26 -5.97
C MET A 19 7.88 -3.19 -4.91
N GLY A 20 7.74 -4.03 -3.90
CA GLY A 20 8.73 -4.06 -2.83
C GLY A 20 8.23 -3.28 -1.60
N PHE A 21 6.92 -3.24 -1.46
CA PHE A 21 6.31 -2.54 -0.34
C PHE A 21 5.90 -3.51 0.77
N LEU A 22 6.90 -3.96 1.50
CA LEU A 22 6.67 -4.89 2.59
C LEU A 22 6.36 -4.11 3.87
N ASN A 23 5.44 -3.17 3.74
CA ASN A 23 5.03 -2.35 4.87
C ASN A 23 3.51 -2.33 4.98
N ARG A 24 2.94 -3.52 5.14
CA ARG A 24 1.50 -3.65 5.26
C ARG A 24 0.93 -2.49 6.08
N GLU A 25 1.46 -2.34 7.29
CA GLU A 25 1.01 -1.29 8.17
C GLU A 25 0.92 0.04 7.42
N ALA A 26 2.02 0.39 6.78
CA ALA A 26 2.07 1.63 6.01
C ALA A 26 1.15 1.53 4.80
N ASN A 27 1.39 0.50 3.99
CA ASN A 27 0.59 0.27 2.80
C ASN A 27 -0.89 0.45 3.16
N LEU A 28 -1.29 -0.17 4.24
CA LEU A 28 -2.67 -0.09 4.70
C LEU A 28 -3.05 1.38 4.89
N GLN A 29 -2.48 1.98 5.92
CA GLN A 29 -2.76 3.37 6.22
C GLN A 29 -2.77 4.20 4.94
N ALA A 30 -1.68 4.10 4.19
CA ALA A 30 -1.55 4.83 2.94
C ALA A 30 -2.75 4.52 2.06
N LEU A 31 -3.07 3.25 1.97
CA LEU A 31 -4.20 2.80 1.16
C LEU A 31 -5.49 3.37 1.75
N ILE A 32 -5.53 3.43 3.07
CA ILE A 32 -6.69 3.95 3.75
C ILE A 32 -6.83 5.45 3.49
N ALA A 33 -5.72 6.16 3.67
CA ALA A 33 -5.70 7.59 3.45
C ALA A 33 -6.28 7.90 2.07
N THR A 34 -5.66 7.33 1.05
CA THR A 34 -6.11 7.53 -0.32
C THR A 34 -7.53 7.00 -0.49
N GLY A 35 -7.74 5.77 -0.01
CA GLY A 35 -9.04 5.13 -0.10
C GLY A 35 -8.99 3.93 -1.05
N GLY A 36 -7.81 3.33 -1.12
CA GLY A 36 -7.62 2.17 -1.99
C GLY A 36 -7.09 2.58 -3.35
N ASP A 37 -5.94 3.24 -3.33
CA ASP A 37 -5.31 3.70 -4.56
C ASP A 37 -3.82 3.38 -4.51
N VAL A 38 -3.44 2.34 -5.25
CA VAL A 38 -2.05 1.92 -5.30
C VAL A 38 -1.21 3.04 -5.91
N ASP A 39 -1.60 3.43 -7.12
CA ASP A 39 -0.89 4.49 -7.82
C ASP A 39 -0.66 5.67 -6.87
N ALA A 40 -1.77 6.15 -6.30
CA ALA A 40 -1.70 7.27 -5.39
C ALA A 40 -0.86 6.87 -4.16
N ALA A 41 -1.24 5.76 -3.56
CA ALA A 41 -0.54 5.26 -2.39
C ALA A 41 0.97 5.29 -2.66
N VAL A 42 1.34 4.73 -3.80
CA VAL A 42 2.75 4.69 -4.18
C VAL A 42 3.36 6.08 -4.05
N GLU A 43 2.71 7.04 -4.70
CA GLU A 43 3.18 8.42 -4.66
C GLU A 43 3.46 8.84 -3.21
N LYS A 44 2.65 8.31 -2.31
CA LYS A 44 2.81 8.63 -0.90
C LYS A 44 3.88 7.73 -0.30
N LEU A 45 3.62 6.43 -0.33
CA LEU A 45 4.56 5.46 0.22
C LEU A 45 5.98 5.87 -0.17
N ARG A 46 6.12 6.30 -1.41
CA ARG A 46 7.41 6.72 -1.93
C ARG A 46 7.98 7.86 -1.08
N GLN A 47 7.17 8.90 -0.94
CA GLN A 47 7.58 10.05 -0.14
C GLN A 47 8.15 9.60 1.21
N SER A 48 7.37 8.79 1.90
CA SER A 48 7.78 8.28 3.19
C SER A 48 9.13 7.57 3.07
N SER A 49 9.14 6.55 2.22
CA SER A 49 10.35 5.77 2.00
C SER A 49 10.95 6.11 0.63
N GLY A 50 11.79 7.14 0.63
CA GLY A 50 12.43 7.58 -0.60
C GLY A 50 13.83 6.97 -0.74
N PRO A 51 14.31 6.91 -2.00
CA PRO A 51 15.61 6.34 -2.29
C PRO A 51 16.72 7.31 -1.88
N SER A 52 17.42 6.94 -0.81
CA SER A 52 18.51 7.76 -0.30
C SER A 52 19.42 6.92 0.59
N SER A 53 20.71 7.03 0.31
CA SER A 53 21.71 6.29 1.08
C SER A 53 22.60 7.26 1.85
N GLY A 54 22.27 7.43 3.13
CA GLY A 54 23.04 8.32 3.98
C GLY A 54 22.21 8.76 5.19
N GLY A 1 0.56 -1.92 16.10
CA GLY A 1 -0.13 -3.09 16.61
C GLY A 1 -0.72 -3.93 15.46
N SER A 2 -1.76 -4.68 15.80
CA SER A 2 -2.42 -5.52 14.81
C SER A 2 -3.91 -5.63 15.13
N SER A 3 -4.68 -4.78 14.46
CA SER A 3 -6.12 -4.77 14.67
C SER A 3 -6.75 -6.01 14.04
N GLY A 4 -7.96 -6.31 14.48
CA GLY A 4 -8.68 -7.47 13.97
C GLY A 4 -9.37 -7.14 12.65
N SER A 5 -8.55 -6.92 11.62
CA SER A 5 -9.07 -6.61 10.31
C SER A 5 -8.24 -7.31 9.24
N SER A 6 -8.92 -7.69 8.16
CA SER A 6 -8.26 -8.37 7.06
C SER A 6 -9.01 -8.11 5.75
N GLY A 7 -8.24 -7.93 4.68
CA GLY A 7 -8.83 -7.68 3.38
C GLY A 7 -8.82 -6.18 3.06
N HIS A 8 -9.85 -5.76 2.34
CA HIS A 8 -9.97 -4.36 1.97
C HIS A 8 -8.94 -4.02 0.89
N PHE A 9 -7.71 -3.81 1.36
CA PHE A 9 -6.62 -3.48 0.45
C PHE A 9 -5.77 -4.72 0.14
N GLN A 10 -6.42 -5.68 -0.51
CA GLN A 10 -5.74 -6.91 -0.88
C GLN A 10 -4.96 -6.72 -2.18
N VAL A 11 -5.71 -6.63 -3.28
CA VAL A 11 -5.10 -6.45 -4.58
C VAL A 11 -3.95 -5.45 -4.48
N GLN A 12 -4.25 -4.32 -3.85
CA GLN A 12 -3.24 -3.28 -3.66
C GLN A 12 -2.05 -3.82 -2.89
N LEU A 13 -2.34 -4.48 -1.78
CA LEU A 13 -1.31 -5.05 -0.94
C LEU A 13 -0.50 -6.07 -1.76
N GLU A 14 -1.19 -6.71 -2.70
CA GLU A 14 -0.55 -7.70 -3.55
C GLU A 14 0.37 -7.01 -4.55
N GLN A 15 -0.22 -6.11 -5.33
CA GLN A 15 0.53 -5.39 -6.34
C GLN A 15 1.69 -4.63 -5.70
N LEU A 16 1.43 -4.09 -4.51
CA LEU A 16 2.43 -3.34 -3.79
C LEU A 16 3.56 -4.29 -3.36
N ARG A 17 3.15 -5.38 -2.72
CA ARG A 17 4.11 -6.37 -2.27
C ARG A 17 5.21 -6.58 -3.31
N SER A 18 4.78 -6.65 -4.57
CA SER A 18 5.70 -6.85 -5.66
C SER A 18 6.63 -5.64 -5.79
N MET A 19 6.02 -4.47 -5.74
CA MET A 19 6.76 -3.22 -5.85
C MET A 19 7.91 -3.18 -4.83
N GLY A 20 7.76 -4.00 -3.80
CA GLY A 20 8.77 -4.06 -2.76
C GLY A 20 8.27 -3.41 -1.46
N PHE A 21 6.96 -3.21 -1.41
CA PHE A 21 6.34 -2.59 -0.25
C PHE A 21 5.94 -3.65 0.77
N LEU A 22 6.93 -4.16 1.49
CA LEU A 22 6.69 -5.18 2.50
C LEU A 22 6.39 -4.49 3.83
N ASN A 23 5.45 -3.57 3.79
CA ASN A 23 5.05 -2.84 4.99
C ASN A 23 3.53 -2.72 5.03
N ARG A 24 2.88 -3.85 5.25
CA ARG A 24 1.43 -3.89 5.31
C ARG A 24 0.90 -2.64 6.03
N GLU A 25 1.33 -2.49 7.28
CA GLU A 25 0.92 -1.35 8.07
C GLU A 25 0.94 -0.07 7.24
N ALA A 26 2.16 0.33 6.87
CA ALA A 26 2.34 1.53 6.07
C ALA A 26 1.43 1.46 4.83
N ASN A 27 1.57 0.36 4.10
CA ASN A 27 0.79 0.15 2.90
C ASN A 27 -0.68 0.49 3.20
N LEU A 28 -1.20 -0.14 4.25
CA LEU A 28 -2.57 0.08 4.65
C LEU A 28 -2.82 1.59 4.83
N GLN A 29 -2.19 2.14 5.86
CA GLN A 29 -2.33 3.55 6.15
C GLN A 29 -2.34 4.36 4.86
N ALA A 30 -1.35 4.10 4.02
CA ALA A 30 -1.23 4.79 2.75
C ALA A 30 -2.51 4.56 1.93
N LEU A 31 -2.83 3.29 1.75
CA LEU A 31 -4.01 2.92 0.99
C LEU A 31 -5.24 3.61 1.60
N ILE A 32 -5.28 3.60 2.92
CA ILE A 32 -6.38 4.22 3.64
C ILE A 32 -6.49 5.69 3.25
N ALA A 33 -5.39 6.40 3.47
CA ALA A 33 -5.33 7.82 3.15
C ALA A 33 -5.96 8.05 1.77
N THR A 34 -5.33 7.46 0.76
CA THR A 34 -5.81 7.59 -0.60
C THR A 34 -7.26 7.12 -0.69
N GLY A 35 -7.52 5.94 -0.13
CA GLY A 35 -8.85 5.37 -0.15
C GLY A 35 -8.88 4.08 -0.98
N GLY A 36 -7.73 3.45 -1.06
CA GLY A 36 -7.61 2.20 -1.81
C GLY A 36 -7.16 2.48 -3.25
N ASP A 37 -5.96 3.01 -3.36
CA ASP A 37 -5.40 3.34 -4.67
C ASP A 37 -3.88 3.11 -4.63
N VAL A 38 -3.45 2.12 -5.39
CA VAL A 38 -2.04 1.80 -5.46
C VAL A 38 -1.27 2.99 -6.01
N ASP A 39 -1.73 3.46 -7.16
CA ASP A 39 -1.09 4.61 -7.81
C ASP A 39 -0.89 5.73 -6.78
N ALA A 40 -1.98 6.13 -6.16
CA ALA A 40 -1.93 7.18 -5.16
C ALA A 40 -1.06 6.72 -3.98
N ALA A 41 -1.41 5.56 -3.45
CA ALA A 41 -0.67 4.99 -2.34
C ALA A 41 0.83 5.09 -2.62
N VAL A 42 1.20 4.69 -3.82
CA VAL A 42 2.59 4.73 -4.22
C VAL A 42 3.16 6.13 -3.98
N GLU A 43 2.43 7.12 -4.50
CA GLU A 43 2.85 8.50 -4.34
C GLU A 43 3.15 8.80 -2.88
N LYS A 44 2.39 8.17 -2.00
CA LYS A 44 2.56 8.36 -0.57
C LYS A 44 3.71 7.49 -0.08
N LEU A 45 3.54 6.18 -0.25
CA LEU A 45 4.56 5.24 0.17
C LEU A 45 5.94 5.78 -0.20
N ARG A 46 6.02 6.36 -1.39
CA ARG A 46 7.26 6.92 -1.87
C ARG A 46 7.72 8.06 -0.97
N GLN A 47 6.83 9.05 -0.82
CA GLN A 47 7.13 10.20 0.01
C GLN A 47 7.73 9.75 1.35
N SER A 48 7.02 8.86 2.01
CA SER A 48 7.47 8.34 3.29
C SER A 48 8.96 7.98 3.22
N SER A 49 9.27 7.08 2.30
CA SER A 49 10.64 6.64 2.11
C SER A 49 10.93 6.44 0.62
N GLY A 50 12.11 6.89 0.21
CA GLY A 50 12.52 6.77 -1.18
C GLY A 50 13.69 5.79 -1.32
N PRO A 51 13.33 4.51 -1.62
CA PRO A 51 14.33 3.48 -1.79
C PRO A 51 15.07 3.63 -3.13
N SER A 52 15.78 4.74 -3.25
CA SER A 52 16.53 5.01 -4.46
C SER A 52 17.69 4.03 -4.60
N SER A 53 17.66 3.29 -5.69
CA SER A 53 18.70 2.30 -5.95
C SER A 53 18.93 2.16 -7.46
N GLY A 54 20.14 2.47 -7.89
CA GLY A 54 20.49 2.39 -9.30
C GLY A 54 22.01 2.50 -9.49
N GLY A 1 -18.81 -11.35 1.38
CA GLY A 1 -18.43 -11.19 -0.01
C GLY A 1 -18.45 -12.52 -0.75
N SER A 2 -17.42 -12.72 -1.56
CA SER A 2 -17.31 -13.95 -2.33
C SER A 2 -16.15 -14.80 -1.81
N SER A 3 -14.96 -14.20 -1.83
CA SER A 3 -13.77 -14.89 -1.36
C SER A 3 -13.18 -14.14 -0.16
N GLY A 4 -12.80 -14.92 0.85
CA GLY A 4 -12.23 -14.35 2.06
C GLY A 4 -13.32 -13.73 2.94
N SER A 5 -12.88 -13.23 4.09
CA SER A 5 -13.80 -12.60 5.03
C SER A 5 -13.47 -11.12 5.18
N SER A 6 -12.23 -10.87 5.58
CA SER A 6 -11.77 -9.50 5.77
C SER A 6 -10.89 -9.08 4.59
N GLY A 7 -11.51 -8.46 3.60
CA GLY A 7 -10.79 -8.02 2.42
C GLY A 7 -11.06 -6.53 2.16
N HIS A 8 -9.97 -5.77 2.13
CA HIS A 8 -10.07 -4.34 1.90
C HIS A 8 -9.03 -3.91 0.87
N PHE A 9 -7.78 -3.88 1.31
CA PHE A 9 -6.68 -3.49 0.44
C PHE A 9 -5.78 -4.69 0.14
N GLN A 10 -6.38 -5.69 -0.49
CA GLN A 10 -5.64 -6.90 -0.84
C GLN A 10 -4.85 -6.68 -2.13
N VAL A 11 -5.58 -6.64 -3.24
CA VAL A 11 -4.98 -6.45 -4.54
C VAL A 11 -3.88 -5.38 -4.43
N GLN A 12 -4.27 -4.22 -3.91
CA GLN A 12 -3.34 -3.13 -3.73
C GLN A 12 -2.12 -3.58 -2.94
N LEU A 13 -2.39 -4.35 -1.89
CA LEU A 13 -1.33 -4.85 -1.03
C LEU A 13 -0.49 -5.86 -1.83
N GLU A 14 -1.14 -6.54 -2.76
CA GLU A 14 -0.48 -7.53 -3.59
C GLU A 14 0.46 -6.85 -4.57
N GLN A 15 -0.09 -5.90 -5.32
CA GLN A 15 0.69 -5.17 -6.30
C GLN A 15 1.86 -4.45 -5.63
N LEU A 16 1.58 -3.87 -4.48
CA LEU A 16 2.60 -3.15 -3.72
C LEU A 16 3.68 -4.14 -3.30
N ARG A 17 3.25 -5.22 -2.68
CA ARG A 17 4.17 -6.24 -2.21
C ARG A 17 5.30 -6.44 -3.23
N SER A 18 4.90 -6.61 -4.48
CA SER A 18 5.86 -6.81 -5.55
C SER A 18 6.83 -5.64 -5.60
N MET A 19 6.27 -4.45 -5.73
CA MET A 19 7.07 -3.24 -5.79
C MET A 19 8.17 -3.25 -4.72
N GLY A 20 7.89 -3.98 -3.65
CA GLY A 20 8.83 -4.09 -2.55
C GLY A 20 8.30 -3.37 -1.30
N PHE A 21 6.98 -3.29 -1.22
CA PHE A 21 6.34 -2.64 -0.09
C PHE A 21 5.94 -3.66 0.96
N LEU A 22 6.94 -4.15 1.67
CA LEU A 22 6.71 -5.13 2.72
C LEU A 22 6.40 -4.40 4.03
N ASN A 23 5.46 -3.47 3.94
CA ASN A 23 5.05 -2.70 5.10
C ASN A 23 3.53 -2.60 5.14
N ARG A 24 2.89 -3.76 5.26
CA ARG A 24 1.44 -3.82 5.31
C ARG A 24 0.89 -2.65 6.12
N GLU A 25 1.27 -2.62 7.39
CA GLU A 25 0.82 -1.57 8.28
C GLU A 25 0.83 -0.23 7.56
N ALA A 26 2.00 0.14 7.08
CA ALA A 26 2.17 1.40 6.38
C ALA A 26 1.28 1.40 5.12
N ASN A 27 1.51 0.39 4.29
CA ASN A 27 0.75 0.25 3.06
C ASN A 27 -0.73 0.53 3.36
N LEU A 28 -1.25 -0.18 4.34
CA LEU A 28 -2.65 -0.01 4.73
C LEU A 28 -2.94 1.47 4.93
N GLN A 29 -2.33 2.02 5.98
CA GLN A 29 -2.53 3.42 6.30
C GLN A 29 -2.54 4.26 5.02
N ALA A 30 -1.46 4.14 4.26
CA ALA A 30 -1.34 4.88 3.02
C ALA A 30 -2.59 4.65 2.17
N LEU A 31 -2.89 3.38 1.95
CA LEU A 31 -4.05 3.01 1.16
C LEU A 31 -5.31 3.64 1.76
N ILE A 32 -5.42 3.51 3.09
CA ILE A 32 -6.55 4.07 3.79
C ILE A 32 -6.71 5.54 3.44
N ALA A 33 -5.58 6.25 3.48
CA ALA A 33 -5.57 7.67 3.18
C ALA A 33 -6.19 7.88 1.79
N THR A 34 -5.54 7.31 0.80
CA THR A 34 -6.02 7.43 -0.58
C THR A 34 -7.47 6.97 -0.69
N GLY A 35 -7.74 5.81 -0.09
CA GLY A 35 -9.08 5.25 -0.10
C GLY A 35 -9.12 3.95 -0.89
N GLY A 36 -7.98 3.26 -0.90
CA GLY A 36 -7.87 2.00 -1.63
C GLY A 36 -7.33 2.22 -3.04
N ASP A 37 -6.27 3.00 -3.12
CA ASP A 37 -5.66 3.30 -4.40
C ASP A 37 -4.17 2.95 -4.34
N VAL A 38 -3.67 2.41 -5.44
CA VAL A 38 -2.27 2.02 -5.53
C VAL A 38 -1.46 3.20 -6.07
N ASP A 39 -1.84 3.64 -7.26
CA ASP A 39 -1.16 4.75 -7.91
C ASP A 39 -0.90 5.85 -6.87
N ALA A 40 -1.97 6.27 -6.21
CA ALA A 40 -1.87 7.31 -5.20
C ALA A 40 -1.00 6.81 -4.05
N ALA A 41 -1.37 5.65 -3.52
CA ALA A 41 -0.64 5.06 -2.42
C ALA A 41 0.85 5.13 -2.72
N VAL A 42 1.22 4.69 -3.91
CA VAL A 42 2.61 4.70 -4.32
C VAL A 42 3.19 6.10 -4.09
N GLU A 43 2.53 7.09 -4.66
CA GLU A 43 2.96 8.47 -4.51
C GLU A 43 3.25 8.79 -3.05
N LYS A 44 2.49 8.15 -2.18
CA LYS A 44 2.66 8.36 -0.75
C LYS A 44 3.78 7.46 -0.23
N LEU A 45 3.57 6.16 -0.39
CA LEU A 45 4.55 5.18 0.05
C LEU A 45 5.95 5.63 -0.38
N ARG A 46 6.02 6.14 -1.60
CA ARG A 46 7.28 6.62 -2.14
C ARG A 46 7.84 7.76 -1.28
N GLN A 47 6.99 8.76 -1.09
CA GLN A 47 7.38 9.92 -0.30
C GLN A 47 7.97 9.47 1.04
N SER A 48 7.20 8.66 1.75
CA SER A 48 7.62 8.16 3.04
C SER A 48 9.01 7.51 2.92
N SER A 49 9.08 6.49 2.08
CA SER A 49 10.34 5.79 1.86
C SER A 49 11.47 6.80 1.65
N GLY A 50 12.66 6.41 2.09
CA GLY A 50 13.82 7.26 1.95
C GLY A 50 14.70 6.81 0.78
N PRO A 51 15.57 5.80 1.06
CA PRO A 51 16.46 5.28 0.04
C PRO A 51 15.70 4.39 -0.94
N SER A 52 16.40 4.04 -2.02
CA SER A 52 15.80 3.19 -3.05
C SER A 52 16.58 1.89 -3.17
N SER A 53 17.86 2.03 -3.48
CA SER A 53 18.72 0.86 -3.63
C SER A 53 17.97 -0.27 -4.33
N GLY A 54 18.05 -0.25 -5.66
CA GLY A 54 17.38 -1.26 -6.46
C GLY A 54 18.37 -1.97 -7.39
N GLY A 1 -17.24 3.93 -1.59
CA GLY A 1 -17.61 2.69 -2.26
C GLY A 1 -18.19 1.68 -1.26
N SER A 2 -19.50 1.56 -1.29
CA SER A 2 -20.18 0.62 -0.40
C SER A 2 -20.11 -0.80 -0.96
N SER A 3 -20.63 -0.95 -2.17
CA SER A 3 -20.63 -2.24 -2.83
C SER A 3 -19.38 -2.38 -3.70
N GLY A 4 -18.60 -3.41 -3.41
CA GLY A 4 -17.39 -3.67 -4.16
C GLY A 4 -16.73 -4.97 -3.70
N SER A 5 -15.78 -5.42 -4.51
CA SER A 5 -15.07 -6.66 -4.19
C SER A 5 -14.59 -6.63 -2.73
N SER A 6 -15.30 -7.40 -1.91
CA SER A 6 -14.97 -7.48 -0.50
C SER A 6 -13.50 -7.84 -0.33
N GLY A 7 -12.77 -6.95 0.34
CA GLY A 7 -11.36 -7.16 0.57
C GLY A 7 -10.72 -5.92 1.23
N HIS A 8 -9.81 -6.18 2.15
CA HIS A 8 -9.12 -5.11 2.85
C HIS A 8 -7.81 -4.78 2.13
N PHE A 9 -7.91 -3.84 1.20
CA PHE A 9 -6.75 -3.42 0.43
C PHE A 9 -5.86 -4.60 0.10
N GLN A 10 -6.47 -5.64 -0.45
CA GLN A 10 -5.73 -6.84 -0.80
C GLN A 10 -4.96 -6.62 -2.10
N VAL A 11 -5.69 -6.59 -3.20
CA VAL A 11 -5.10 -6.38 -4.51
C VAL A 11 -3.99 -5.32 -4.39
N GLN A 12 -4.38 -4.18 -3.84
CA GLN A 12 -3.45 -3.08 -3.66
C GLN A 12 -2.21 -3.55 -2.88
N LEU A 13 -2.47 -4.27 -1.80
CA LEU A 13 -1.41 -4.78 -0.97
C LEU A 13 -0.54 -5.75 -1.78
N GLU A 14 -1.21 -6.46 -2.68
CA GLU A 14 -0.52 -7.43 -3.52
C GLU A 14 0.36 -6.70 -4.55
N GLN A 15 -0.27 -5.82 -5.31
CA GLN A 15 0.44 -5.07 -6.33
C GLN A 15 1.64 -4.35 -5.71
N LEU A 16 1.43 -3.85 -4.50
CA LEU A 16 2.49 -3.15 -3.79
C LEU A 16 3.57 -4.15 -3.37
N ARG A 17 3.11 -5.22 -2.72
CA ARG A 17 4.03 -6.25 -2.26
C ARG A 17 5.13 -6.49 -3.29
N SER A 18 4.71 -6.65 -4.53
CA SER A 18 5.64 -6.90 -5.62
C SER A 18 6.64 -5.74 -5.71
N MET A 19 6.09 -4.53 -5.82
CA MET A 19 6.91 -3.34 -5.92
C MET A 19 8.01 -3.35 -4.86
N GLY A 20 7.76 -4.08 -3.79
CA GLY A 20 8.72 -4.18 -2.70
C GLY A 20 8.22 -3.44 -1.46
N PHE A 21 6.90 -3.33 -1.37
CA PHE A 21 6.28 -2.65 -0.25
C PHE A 21 5.91 -3.65 0.85
N LEU A 22 6.93 -4.13 1.53
CA LEU A 22 6.73 -5.09 2.61
C LEU A 22 6.42 -4.34 3.90
N ASN A 23 5.47 -3.42 3.81
CA ASN A 23 5.07 -2.63 4.96
C ASN A 23 3.54 -2.56 5.03
N ARG A 24 2.95 -3.74 5.19
CA ARG A 24 1.49 -3.82 5.27
C ARG A 24 0.94 -2.65 6.07
N GLU A 25 1.38 -2.55 7.32
CA GLU A 25 0.93 -1.48 8.20
C GLU A 25 0.89 -0.16 7.43
N ALA A 26 2.06 0.24 6.93
CA ALA A 26 2.17 1.48 6.20
C ALA A 26 1.26 1.42 4.96
N ASN A 27 1.51 0.42 4.13
CA ASN A 27 0.72 0.24 2.93
C ASN A 27 -0.76 0.48 3.24
N LEU A 28 -1.23 -0.19 4.29
CA LEU A 28 -2.61 -0.06 4.71
C LEU A 28 -2.94 1.42 4.92
N GLN A 29 -2.36 1.98 5.98
CA GLN A 29 -2.58 3.37 6.30
C GLN A 29 -2.59 4.21 5.03
N ALA A 30 -1.49 4.13 4.29
CA ALA A 30 -1.36 4.87 3.05
C ALA A 30 -2.59 4.63 2.18
N LEU A 31 -2.95 3.36 2.05
CA LEU A 31 -4.10 2.99 1.25
C LEU A 31 -5.35 3.64 1.83
N ILE A 32 -5.55 3.42 3.13
CA ILE A 32 -6.70 3.98 3.82
C ILE A 32 -6.84 5.45 3.47
N ALA A 33 -5.68 6.12 3.41
CA ALA A 33 -5.66 7.54 3.10
C ALA A 33 -6.12 7.74 1.65
N THR A 34 -5.65 6.85 0.78
CA THR A 34 -5.99 6.92 -0.63
C THR A 34 -7.22 6.06 -0.91
N GLY A 35 -8.15 6.08 0.02
CA GLY A 35 -9.38 5.31 -0.11
C GLY A 35 -9.09 3.95 -0.76
N GLY A 36 -7.90 3.45 -0.52
CA GLY A 36 -7.49 2.17 -1.08
C GLY A 36 -7.05 2.32 -2.54
N ASP A 37 -5.96 3.05 -2.72
CA ASP A 37 -5.42 3.29 -4.05
C ASP A 37 -3.96 2.83 -4.09
N VAL A 38 -3.57 2.32 -5.25
CA VAL A 38 -2.21 1.85 -5.44
C VAL A 38 -1.34 3.01 -5.95
N ASP A 39 -1.66 3.43 -7.16
CA ASP A 39 -0.92 4.52 -7.79
C ASP A 39 -0.72 5.65 -6.76
N ALA A 40 -1.84 6.12 -6.23
CA ALA A 40 -1.80 7.20 -5.25
C ALA A 40 -0.91 6.78 -4.08
N ALA A 41 -1.21 5.62 -3.52
CA ALA A 41 -0.44 5.10 -2.41
C ALA A 41 1.05 5.22 -2.73
N VAL A 42 1.44 4.59 -3.82
CA VAL A 42 2.84 4.62 -4.25
C VAL A 42 3.38 6.05 -4.07
N GLU A 43 2.69 7.00 -4.68
CA GLU A 43 3.10 8.38 -4.60
C GLU A 43 3.42 8.76 -3.15
N LYS A 44 2.63 8.22 -2.24
CA LYS A 44 2.81 8.49 -0.82
C LYS A 44 3.91 7.58 -0.28
N LEU A 45 3.67 6.28 -0.38
CA LEU A 45 4.62 5.30 0.10
C LEU A 45 6.04 5.75 -0.26
N ARG A 46 6.14 6.38 -1.43
CA ARG A 46 7.42 6.87 -1.90
C ARG A 46 7.89 8.06 -1.07
N GLN A 47 7.01 9.05 -0.98
CA GLN A 47 7.31 10.26 -0.21
C GLN A 47 7.93 9.88 1.13
N SER A 48 7.23 9.02 1.85
CA SER A 48 7.69 8.58 3.16
C SER A 48 8.99 7.79 3.01
N SER A 49 8.90 6.72 2.23
CA SER A 49 10.06 5.87 2.00
C SER A 49 9.76 4.88 0.87
N GLY A 50 10.53 4.99 -0.20
CA GLY A 50 10.36 4.11 -1.34
C GLY A 50 11.54 3.15 -1.48
N PRO A 51 12.67 3.70 -2.03
CA PRO A 51 13.87 2.89 -2.21
C PRO A 51 14.58 2.66 -0.89
N SER A 52 15.43 1.64 -0.88
CA SER A 52 16.19 1.30 0.31
C SER A 52 15.24 0.85 1.42
N SER A 53 15.30 -0.43 1.72
CA SER A 53 14.45 -1.01 2.76
C SER A 53 15.15 -2.19 3.42
N GLY A 54 15.48 -3.18 2.60
CA GLY A 54 16.15 -4.37 3.09
C GLY A 54 15.91 -5.55 2.16
N GLY A 1 -17.47 -2.54 10.26
CA GLY A 1 -17.66 -3.79 9.56
C GLY A 1 -17.83 -4.95 10.55
N SER A 2 -19.08 -5.24 10.87
CA SER A 2 -19.39 -6.31 11.80
C SER A 2 -20.18 -7.40 11.10
N SER A 3 -19.65 -8.62 11.15
CA SER A 3 -20.30 -9.76 10.52
C SER A 3 -20.38 -9.53 9.01
N GLY A 4 -19.60 -10.31 8.28
CA GLY A 4 -19.58 -10.21 6.83
C GLY A 4 -18.14 -10.13 6.30
N SER A 5 -17.64 -8.91 6.24
CA SER A 5 -16.29 -8.67 5.76
C SER A 5 -16.17 -9.11 4.30
N SER A 6 -15.41 -8.34 3.54
CA SER A 6 -15.20 -8.64 2.13
C SER A 6 -13.71 -8.67 1.82
N GLY A 7 -13.07 -7.52 1.98
CA GLY A 7 -11.65 -7.41 1.71
C GLY A 7 -11.05 -6.20 2.44
N HIS A 8 -9.74 -6.06 2.31
CA HIS A 8 -9.03 -4.96 2.95
C HIS A 8 -7.74 -4.67 2.20
N PHE A 9 -7.84 -3.78 1.22
CA PHE A 9 -6.69 -3.40 0.42
C PHE A 9 -5.80 -4.61 0.14
N GLN A 10 -6.43 -5.68 -0.35
CA GLN A 10 -5.72 -6.90 -0.66
C GLN A 10 -4.92 -6.72 -1.95
N VAL A 11 -5.65 -6.70 -3.06
CA VAL A 11 -5.02 -6.55 -4.37
C VAL A 11 -3.90 -5.51 -4.26
N GLN A 12 -4.25 -4.35 -3.76
CA GLN A 12 -3.29 -3.26 -3.62
C GLN A 12 -2.08 -3.74 -2.81
N LEU A 13 -2.38 -4.45 -1.73
CA LEU A 13 -1.33 -4.97 -0.86
C LEU A 13 -0.54 -6.05 -1.62
N GLU A 14 -1.24 -6.75 -2.50
CA GLU A 14 -0.61 -7.79 -3.29
C GLU A 14 0.29 -7.18 -4.36
N GLN A 15 -0.30 -6.28 -5.14
CA GLN A 15 0.43 -5.62 -6.21
C GLN A 15 1.63 -4.87 -5.64
N LEU A 16 1.37 -4.12 -4.58
CA LEU A 16 2.42 -3.35 -3.94
C LEU A 16 3.56 -4.29 -3.52
N ARG A 17 3.18 -5.34 -2.79
CA ARG A 17 4.14 -6.32 -2.31
C ARG A 17 5.17 -6.60 -3.40
N SER A 18 4.67 -6.82 -4.61
CA SER A 18 5.53 -7.11 -5.74
C SER A 18 6.50 -5.94 -5.97
N MET A 19 5.94 -4.75 -6.02
CA MET A 19 6.74 -3.55 -6.24
C MET A 19 7.88 -3.46 -5.22
N GLY A 20 7.71 -4.20 -4.13
CA GLY A 20 8.72 -4.21 -3.08
C GLY A 20 8.25 -3.42 -1.85
N PHE A 21 6.93 -3.30 -1.74
CA PHE A 21 6.35 -2.57 -0.62
C PHE A 21 6.07 -3.50 0.55
N LEU A 22 7.14 -3.92 1.21
CA LEU A 22 7.02 -4.82 2.35
C LEU A 22 6.74 -3.99 3.60
N ASN A 23 5.72 -3.16 3.51
CA ASN A 23 5.33 -2.31 4.63
C ASN A 23 3.81 -2.27 4.73
N ARG A 24 3.23 -3.45 4.86
CA ARG A 24 1.78 -3.56 4.96
C ARG A 24 1.23 -2.42 5.83
N GLU A 25 1.63 -2.41 7.09
CA GLU A 25 1.19 -1.39 8.01
C GLU A 25 1.13 -0.03 7.32
N ALA A 26 2.23 0.32 6.66
CA ALA A 26 2.31 1.58 5.95
C ALA A 26 1.39 1.54 4.74
N ASN A 27 1.57 0.51 3.91
CA ASN A 27 0.76 0.36 2.72
C ASN A 27 -0.71 0.58 3.08
N LEU A 28 -1.16 -0.11 4.12
CA LEU A 28 -2.53 0.00 4.57
C LEU A 28 -2.87 1.48 4.78
N GLN A 29 -2.27 2.05 5.81
CA GLN A 29 -2.50 3.45 6.12
C GLN A 29 -2.52 4.29 4.85
N ALA A 30 -1.45 4.16 4.08
CA ALA A 30 -1.33 4.91 2.84
C ALA A 30 -2.56 4.64 1.97
N LEU A 31 -2.85 3.36 1.78
CA LEU A 31 -4.00 2.97 0.98
C LEU A 31 -5.26 3.60 1.57
N ILE A 32 -5.33 3.57 2.90
CA ILE A 32 -6.49 4.12 3.59
C ILE A 32 -6.59 5.63 3.27
N ALA A 33 -5.47 6.31 3.44
CA ALA A 33 -5.43 7.74 3.17
C ALA A 33 -6.03 8.01 1.79
N THR A 34 -5.40 7.43 0.79
CA THR A 34 -5.86 7.60 -0.59
C THR A 34 -7.30 7.12 -0.73
N GLY A 35 -7.57 5.95 -0.17
CA GLY A 35 -8.90 5.37 -0.23
C GLY A 35 -8.91 4.11 -1.10
N GLY A 36 -7.80 3.39 -1.05
CA GLY A 36 -7.67 2.17 -1.83
C GLY A 36 -7.17 2.46 -3.24
N ASP A 37 -6.01 3.10 -3.30
CA ASP A 37 -5.41 3.44 -4.57
C ASP A 37 -3.90 3.20 -4.51
N VAL A 38 -3.45 2.28 -5.34
CA VAL A 38 -2.05 1.93 -5.39
C VAL A 38 -1.26 3.11 -5.98
N ASP A 39 -1.65 3.51 -7.17
CA ASP A 39 -1.00 4.61 -7.85
C ASP A 39 -0.75 5.75 -6.84
N ALA A 40 -1.84 6.17 -6.21
CA ALA A 40 -1.75 7.23 -5.23
C ALA A 40 -0.91 6.76 -4.03
N ALA A 41 -1.33 5.65 -3.46
CA ALA A 41 -0.63 5.09 -2.31
C ALA A 41 0.88 5.16 -2.57
N VAL A 42 1.27 4.69 -3.74
CA VAL A 42 2.68 4.69 -4.12
C VAL A 42 3.26 6.08 -3.91
N GLU A 43 2.59 7.06 -4.52
CA GLU A 43 3.03 8.44 -4.41
C GLU A 43 3.27 8.80 -2.95
N LYS A 44 2.43 8.25 -2.08
CA LYS A 44 2.55 8.51 -0.66
C LYS A 44 3.68 7.64 -0.07
N LEU A 45 3.51 6.33 -0.22
CA LEU A 45 4.49 5.39 0.28
C LEU A 45 5.89 5.92 -0.01
N ARG A 46 6.10 6.33 -1.25
CA ARG A 46 7.38 6.86 -1.67
C ARG A 46 7.80 8.02 -0.75
N GLN A 47 6.92 9.00 -0.66
CA GLN A 47 7.19 10.17 0.18
C GLN A 47 7.62 9.72 1.58
N SER A 48 6.75 8.96 2.21
CA SER A 48 7.02 8.46 3.56
C SER A 48 8.44 7.88 3.62
N SER A 49 8.69 6.91 2.75
CA SER A 49 9.99 6.27 2.69
C SER A 49 10.72 6.66 1.41
N GLY A 50 11.60 7.66 1.54
CA GLY A 50 12.35 8.13 0.39
C GLY A 50 12.82 9.58 0.61
N PRO A 51 14.10 9.70 1.07
CA PRO A 51 14.67 11.01 1.32
C PRO A 51 15.03 11.72 0.01
N SER A 52 14.11 12.55 -0.45
CA SER A 52 14.32 13.28 -1.69
C SER A 52 13.73 14.69 -1.57
N SER A 53 12.45 14.74 -1.22
CA SER A 53 11.77 16.01 -1.06
C SER A 53 11.61 16.69 -2.42
N GLY A 54 12.75 17.11 -2.97
CA GLY A 54 12.75 17.77 -4.26
C GLY A 54 13.87 18.81 -4.34
N GLY A 1 -15.32 -11.80 -16.52
CA GLY A 1 -14.66 -12.41 -15.39
C GLY A 1 -15.15 -11.79 -14.07
N SER A 2 -14.52 -10.68 -13.70
CA SER A 2 -14.89 -9.99 -12.48
C SER A 2 -15.16 -11.01 -11.37
N SER A 3 -14.09 -11.42 -10.70
CA SER A 3 -14.20 -12.38 -9.62
C SER A 3 -14.37 -11.66 -8.28
N GLY A 4 -14.98 -12.35 -7.35
CA GLY A 4 -15.20 -11.79 -6.03
C GLY A 4 -13.88 -11.46 -5.33
N SER A 5 -13.61 -10.17 -5.24
CA SER A 5 -12.38 -9.72 -4.61
C SER A 5 -12.62 -8.39 -3.87
N SER A 6 -13.04 -8.52 -2.62
CA SER A 6 -13.31 -7.35 -1.82
C SER A 6 -13.08 -7.68 -0.33
N GLY A 7 -11.91 -7.28 0.14
CA GLY A 7 -11.55 -7.53 1.53
C GLY A 7 -10.98 -6.26 2.17
N HIS A 8 -9.69 -6.32 2.47
CA HIS A 8 -9.02 -5.18 3.09
C HIS A 8 -7.75 -4.85 2.31
N PHE A 9 -7.91 -3.97 1.34
CA PHE A 9 -6.78 -3.55 0.50
C PHE A 9 -5.85 -4.74 0.22
N GLN A 10 -6.45 -5.82 -0.25
CA GLN A 10 -5.69 -7.02 -0.56
C GLN A 10 -4.89 -6.81 -1.85
N VAL A 11 -5.63 -6.75 -2.95
CA VAL A 11 -5.00 -6.57 -4.26
C VAL A 11 -3.90 -5.53 -4.14
N GLN A 12 -4.30 -4.32 -3.75
CA GLN A 12 -3.35 -3.23 -3.59
C GLN A 12 -2.13 -3.70 -2.79
N LEU A 13 -2.41 -4.37 -1.69
CA LEU A 13 -1.35 -4.87 -0.84
C LEU A 13 -0.50 -5.89 -1.61
N GLU A 14 -1.18 -6.61 -2.50
CA GLU A 14 -0.51 -7.62 -3.31
C GLU A 14 0.37 -6.95 -4.37
N GLN A 15 -0.28 -6.11 -5.17
CA GLN A 15 0.42 -5.40 -6.23
C GLN A 15 1.62 -4.64 -5.66
N LEU A 16 1.35 -3.94 -4.56
CA LEU A 16 2.40 -3.16 -3.91
C LEU A 16 3.53 -4.10 -3.48
N ARG A 17 3.17 -5.11 -2.70
CA ARG A 17 4.15 -6.07 -2.23
C ARG A 17 5.15 -6.42 -3.35
N SER A 18 4.60 -6.62 -4.54
CA SER A 18 5.42 -6.95 -5.68
C SER A 18 6.39 -5.82 -5.99
N MET A 19 5.85 -4.61 -6.00
CA MET A 19 6.65 -3.43 -6.27
C MET A 19 7.83 -3.33 -5.30
N GLY A 20 7.71 -4.07 -4.20
CA GLY A 20 8.75 -4.07 -3.19
C GLY A 20 8.29 -3.33 -1.94
N PHE A 21 6.97 -3.20 -1.81
CA PHE A 21 6.40 -2.51 -0.66
C PHE A 21 6.02 -3.51 0.43
N LEU A 22 7.03 -3.96 1.17
CA LEU A 22 6.81 -4.91 2.24
C LEU A 22 6.51 -4.14 3.54
N ASN A 23 5.62 -3.17 3.41
CA ASN A 23 5.24 -2.36 4.57
C ASN A 23 3.71 -2.33 4.67
N ARG A 24 3.13 -3.51 4.78
CA ARG A 24 1.69 -3.62 4.88
C ARG A 24 1.13 -2.51 5.77
N GLU A 25 1.58 -2.51 7.02
CA GLU A 25 1.13 -1.51 7.98
C GLU A 25 1.03 -0.14 7.29
N ALA A 26 2.16 0.34 6.82
CA ALA A 26 2.22 1.63 6.15
C ALA A 26 1.30 1.60 4.92
N ASN A 27 1.56 0.61 4.06
CA ASN A 27 0.77 0.46 2.85
C ASN A 27 -0.71 0.68 3.17
N LEU A 28 -1.17 -0.03 4.20
CA LEU A 28 -2.56 0.08 4.61
C LEU A 28 -2.91 1.56 4.82
N GLN A 29 -2.35 2.12 5.88
CA GLN A 29 -2.60 3.51 6.20
C GLN A 29 -2.62 4.36 4.93
N ALA A 30 -1.53 4.27 4.18
CA ALA A 30 -1.41 5.01 2.94
C ALA A 30 -2.64 4.74 2.07
N LEU A 31 -2.93 3.46 1.90
CA LEU A 31 -4.08 3.06 1.10
C LEU A 31 -5.35 3.67 1.69
N ILE A 32 -5.52 3.44 2.99
CA ILE A 32 -6.68 3.96 3.69
C ILE A 32 -6.88 5.43 3.34
N ALA A 33 -5.75 6.14 3.29
CA ALA A 33 -5.78 7.56 2.98
C ALA A 33 -6.25 7.75 1.54
N THR A 34 -5.72 6.91 0.66
CA THR A 34 -6.07 6.97 -0.74
C THR A 34 -7.28 6.08 -1.03
N GLY A 35 -8.22 6.09 -0.09
CA GLY A 35 -9.43 5.30 -0.23
C GLY A 35 -9.13 3.94 -0.87
N GLY A 36 -7.91 3.47 -0.64
CA GLY A 36 -7.48 2.19 -1.18
C GLY A 36 -7.01 2.35 -2.63
N ASP A 37 -5.95 3.14 -2.79
CA ASP A 37 -5.40 3.38 -4.11
C ASP A 37 -3.93 2.94 -4.13
N VAL A 38 -3.55 2.31 -5.23
CA VAL A 38 -2.18 1.84 -5.39
C VAL A 38 -1.31 2.98 -5.90
N ASP A 39 -1.70 3.51 -7.05
CA ASP A 39 -0.95 4.61 -7.65
C ASP A 39 -0.75 5.71 -6.62
N ALA A 40 -1.87 6.23 -6.12
CA ALA A 40 -1.82 7.30 -5.13
C ALA A 40 -0.93 6.86 -3.96
N ALA A 41 -1.18 5.65 -3.48
CA ALA A 41 -0.40 5.11 -2.38
C ALA A 41 1.08 5.24 -2.69
N VAL A 42 1.48 4.67 -3.82
CA VAL A 42 2.87 4.72 -4.24
C VAL A 42 3.40 6.14 -4.03
N GLU A 43 2.70 7.09 -4.61
CA GLU A 43 3.10 8.49 -4.50
C GLU A 43 3.38 8.84 -3.03
N LYS A 44 2.61 8.22 -2.15
CA LYS A 44 2.75 8.46 -0.73
C LYS A 44 3.88 7.58 -0.18
N LEU A 45 3.69 6.27 -0.31
CA LEU A 45 4.68 5.32 0.17
C LEU A 45 6.08 5.83 -0.18
N ARG A 46 6.20 6.36 -1.40
CA ARG A 46 7.48 6.88 -1.86
C ARG A 46 7.97 7.97 -0.92
N GLN A 47 7.12 8.97 -0.72
CA GLN A 47 7.46 10.08 0.16
C GLN A 47 7.91 9.56 1.52
N SER A 48 7.04 8.78 2.14
CA SER A 48 7.33 8.22 3.45
C SER A 48 8.67 7.48 3.41
N SER A 49 8.76 6.52 2.51
CA SER A 49 9.97 5.74 2.36
C SER A 49 10.18 5.37 0.89
N GLY A 50 11.10 6.09 0.26
CA GLY A 50 11.40 5.85 -1.14
C GLY A 50 12.83 5.29 -1.31
N PRO A 51 12.90 3.93 -1.39
CA PRO A 51 14.19 3.27 -1.54
C PRO A 51 14.72 3.42 -2.97
N SER A 52 16.00 3.74 -3.07
CA SER A 52 16.63 3.92 -4.37
C SER A 52 17.64 2.80 -4.61
N SER A 53 17.42 2.07 -5.69
CA SER A 53 18.30 0.96 -6.05
C SER A 53 18.15 -0.17 -5.04
N GLY A 54 18.64 0.08 -3.83
CA GLY A 54 18.57 -0.91 -2.77
C GLY A 54 18.96 -0.31 -1.43
N GLY A 1 -18.71 -0.38 -6.71
CA GLY A 1 -20.14 -0.46 -6.93
C GLY A 1 -20.75 -1.66 -6.22
N SER A 2 -21.11 -2.66 -7.02
CA SER A 2 -21.70 -3.88 -6.48
C SER A 2 -20.74 -5.05 -6.66
N SER A 3 -19.89 -5.24 -5.66
CA SER A 3 -18.91 -6.32 -5.71
C SER A 3 -18.33 -6.55 -4.32
N GLY A 4 -19.05 -7.33 -3.52
CA GLY A 4 -18.62 -7.63 -2.17
C GLY A 4 -17.46 -8.63 -2.17
N SER A 5 -16.29 -8.12 -2.55
CA SER A 5 -15.10 -8.95 -2.60
C SER A 5 -14.40 -8.96 -1.24
N SER A 6 -14.00 -10.15 -0.82
CA SER A 6 -13.32 -10.30 0.46
C SER A 6 -11.92 -9.69 0.39
N GLY A 7 -11.59 -8.92 1.41
CA GLY A 7 -10.29 -8.28 1.48
C GLY A 7 -10.40 -6.80 1.06
N HIS A 8 -10.27 -5.94 2.06
CA HIS A 8 -10.34 -4.50 1.82
C HIS A 8 -9.31 -4.10 0.78
N PHE A 9 -8.07 -3.95 1.25
CA PHE A 9 -6.98 -3.57 0.37
C PHE A 9 -6.00 -4.73 0.18
N GLN A 10 -6.53 -5.84 -0.30
CA GLN A 10 -5.72 -7.03 -0.53
C GLN A 10 -4.98 -6.90 -1.86
N VAL A 11 -5.73 -7.03 -2.94
CA VAL A 11 -5.15 -6.94 -4.27
C VAL A 11 -4.13 -5.80 -4.30
N GLN A 12 -4.56 -4.65 -3.81
CA GLN A 12 -3.70 -3.47 -3.77
C GLN A 12 -2.45 -3.76 -2.94
N LEU A 13 -2.66 -4.46 -1.83
CA LEU A 13 -1.56 -4.80 -0.94
C LEU A 13 -0.70 -5.87 -1.60
N GLU A 14 -1.31 -6.62 -2.52
CA GLU A 14 -0.61 -7.67 -3.22
C GLU A 14 0.39 -7.07 -4.20
N GLN A 15 -0.11 -6.19 -5.06
CA GLN A 15 0.72 -5.54 -6.05
C GLN A 15 1.89 -4.82 -5.38
N LEU A 16 1.54 -4.03 -4.36
CA LEU A 16 2.55 -3.28 -3.62
C LEU A 16 3.68 -4.22 -3.21
N ARG A 17 3.31 -5.28 -2.52
CA ARG A 17 4.29 -6.26 -2.07
C ARG A 17 5.25 -6.61 -3.20
N SER A 18 4.65 -6.97 -4.34
CA SER A 18 5.45 -7.34 -5.50
C SER A 18 6.40 -6.20 -5.87
N MET A 19 5.83 -5.00 -5.99
CA MET A 19 6.63 -3.84 -6.34
C MET A 19 7.83 -3.69 -5.41
N GLY A 20 7.71 -4.29 -4.23
CA GLY A 20 8.77 -4.24 -3.25
C GLY A 20 8.31 -3.54 -1.97
N PHE A 21 7.03 -3.21 -1.95
CA PHE A 21 6.45 -2.53 -0.80
C PHE A 21 6.00 -3.54 0.26
N LEU A 22 6.98 -4.15 0.90
CA LEU A 22 6.71 -5.14 1.93
C LEU A 22 6.43 -4.42 3.26
N ASN A 23 5.50 -3.47 3.20
CA ASN A 23 5.15 -2.70 4.38
C ASN A 23 3.62 -2.64 4.49
N ARG A 24 3.02 -3.81 4.69
CA ARG A 24 1.58 -3.89 4.82
C ARG A 24 1.04 -2.70 5.60
N GLU A 25 1.50 -2.58 6.83
CA GLU A 25 1.09 -1.49 7.70
C GLU A 25 1.04 -0.18 6.91
N ALA A 26 2.22 0.28 6.52
CA ALA A 26 2.33 1.51 5.76
C ALA A 26 1.42 1.44 4.53
N ASN A 27 1.63 0.40 3.74
CA ASN A 27 0.83 0.20 2.55
C ASN A 27 -0.64 0.47 2.86
N LEU A 28 -1.09 -0.13 3.95
CA LEU A 28 -2.47 0.03 4.39
C LEU A 28 -2.76 1.51 4.61
N GLN A 29 -2.12 2.05 5.65
CA GLN A 29 -2.30 3.46 5.99
C GLN A 29 -2.37 4.30 4.72
N ALA A 30 -1.39 4.11 3.86
CA ALA A 30 -1.33 4.85 2.61
C ALA A 30 -2.60 4.59 1.80
N LEU A 31 -2.93 3.31 1.67
CA LEU A 31 -4.11 2.92 0.93
C LEU A 31 -5.35 3.54 1.59
N ILE A 32 -5.31 3.59 2.91
CA ILE A 32 -6.41 4.15 3.68
C ILE A 32 -6.52 5.66 3.38
N ALA A 33 -5.38 6.33 3.48
CA ALA A 33 -5.34 7.76 3.23
C ALA A 33 -5.97 8.05 1.87
N THR A 34 -5.40 7.44 0.85
CA THR A 34 -5.90 7.63 -0.51
C THR A 34 -7.35 7.15 -0.61
N GLY A 35 -7.57 5.94 -0.11
CA GLY A 35 -8.90 5.35 -0.15
C GLY A 35 -8.94 4.12 -1.05
N GLY A 36 -7.83 3.41 -1.07
CA GLY A 36 -7.73 2.21 -1.89
C GLY A 36 -7.24 2.55 -3.30
N ASP A 37 -6.03 3.12 -3.36
CA ASP A 37 -5.44 3.49 -4.63
C ASP A 37 -3.92 3.30 -4.56
N VAL A 38 -3.46 2.24 -5.22
CA VAL A 38 -2.04 1.93 -5.23
C VAL A 38 -1.28 3.11 -5.84
N ASP A 39 -1.68 3.46 -7.06
CA ASP A 39 -1.04 4.57 -7.77
C ASP A 39 -0.81 5.72 -6.79
N ALA A 40 -1.89 6.13 -6.15
CA ALA A 40 -1.82 7.22 -5.19
C ALA A 40 -0.93 6.81 -4.01
N ALA A 41 -1.29 5.67 -3.41
CA ALA A 41 -0.53 5.16 -2.28
C ALA A 41 0.96 5.26 -2.58
N VAL A 42 1.33 4.81 -3.77
CA VAL A 42 2.72 4.84 -4.19
C VAL A 42 3.28 6.25 -3.97
N GLU A 43 2.56 7.23 -4.48
CA GLU A 43 2.97 8.62 -4.34
C GLU A 43 3.22 8.95 -2.88
N LYS A 44 2.43 8.33 -2.01
CA LYS A 44 2.56 8.56 -0.59
C LYS A 44 3.72 7.73 -0.05
N LEU A 45 3.63 6.42 -0.27
CA LEU A 45 4.66 5.51 0.18
C LEU A 45 6.03 6.13 -0.07
N ARG A 46 6.23 6.57 -1.30
CA ARG A 46 7.49 7.18 -1.69
C ARG A 46 7.85 8.31 -0.72
N GLN A 47 6.94 9.26 -0.60
CA GLN A 47 7.15 10.38 0.30
C GLN A 47 7.64 9.90 1.66
N SER A 48 6.79 9.12 2.32
CA SER A 48 7.13 8.59 3.63
C SER A 48 8.60 8.14 3.64
N SER A 49 8.93 7.27 2.71
CA SER A 49 10.28 6.76 2.61
C SER A 49 10.78 6.87 1.16
N GLY A 50 11.50 7.96 0.91
CA GLY A 50 12.03 8.20 -0.43
C GLY A 50 13.52 7.86 -0.48
N PRO A 51 14.00 7.60 -1.72
CA PRO A 51 15.40 7.26 -1.93
C PRO A 51 16.29 8.51 -1.81
N SER A 52 16.61 8.84 -0.57
CA SER A 52 17.45 10.00 -0.29
C SER A 52 18.82 9.54 0.19
N SER A 53 19.85 10.20 -0.32
CA SER A 53 21.22 9.89 0.07
C SER A 53 21.41 10.13 1.56
N GLY A 54 21.35 9.04 2.32
CA GLY A 54 21.52 9.12 3.76
C GLY A 54 20.49 8.26 4.49
#